data_2ETI
# 
_entry.id   2ETI 
# 
_audit_conform.dict_name       mmcif_pdbx.dic 
_audit_conform.dict_version    5.399 
_audit_conform.dict_location   http://mmcif.pdb.org/dictionaries/ascii/mmcif_pdbx.dic 
# 
loop_
_database_2.database_id 
_database_2.database_code 
_database_2.pdbx_database_accession 
_database_2.pdbx_DOI 
PDB   2ETI         pdb_00002eti 10.2210/pdb2eti/pdb 
WWPDB D_1000178049 ?            ?                   
# 
loop_
_pdbx_audit_revision_history.ordinal 
_pdbx_audit_revision_history.data_content_type 
_pdbx_audit_revision_history.major_revision 
_pdbx_audit_revision_history.minor_revision 
_pdbx_audit_revision_history.revision_date 
1 'Structure model' 1 0 1991-10-15 
2 'Structure model' 1 1 2008-03-24 
3 'Structure model' 1 2 2011-07-13 
4 'Structure model' 1 3 2022-03-09 
5 'Structure model' 1 4 2024-11-20 
# 
_pdbx_audit_revision_details.ordinal             1 
_pdbx_audit_revision_details.revision_ordinal    1 
_pdbx_audit_revision_details.data_content_type   'Structure model' 
_pdbx_audit_revision_details.provider            repository 
_pdbx_audit_revision_details.type                'Initial release' 
_pdbx_audit_revision_details.description         ? 
_pdbx_audit_revision_details.details             ? 
# 
loop_
_pdbx_audit_revision_group.ordinal 
_pdbx_audit_revision_group.revision_ordinal 
_pdbx_audit_revision_group.data_content_type 
_pdbx_audit_revision_group.group 
1 2 'Structure model' 'Version format compliance' 
2 3 'Structure model' 'Version format compliance' 
3 4 'Structure model' 'Data collection'           
4 4 'Structure model' 'Database references'       
5 4 'Structure model' 'Derived calculations'      
6 5 'Structure model' 'Data collection'           
7 5 'Structure model' 'Structure summary'         
# 
loop_
_pdbx_audit_revision_category.ordinal 
_pdbx_audit_revision_category.revision_ordinal 
_pdbx_audit_revision_category.data_content_type 
_pdbx_audit_revision_category.category 
1 4 'Structure model' database_2                
2 4 'Structure model' pdbx_nmr_software         
3 4 'Structure model' pdbx_struct_assembly      
4 4 'Structure model' pdbx_struct_oper_list     
5 5 'Structure model' chem_comp_atom            
6 5 'Structure model' chem_comp_bond            
7 5 'Structure model' pdbx_entry_details        
8 5 'Structure model' pdbx_modification_feature 
# 
loop_
_pdbx_audit_revision_item.ordinal 
_pdbx_audit_revision_item.revision_ordinal 
_pdbx_audit_revision_item.data_content_type 
_pdbx_audit_revision_item.item 
1 4 'Structure model' '_database_2.pdbx_DOI'                
2 4 'Structure model' '_database_2.pdbx_database_accession' 
3 4 'Structure model' '_pdbx_nmr_software.name'             
# 
_pdbx_database_status.status_code                     REL 
_pdbx_database_status.entry_id                        2ETI 
_pdbx_database_status.recvd_initial_deposition_date   1991-07-15 
_pdbx_database_status.deposit_site                    ? 
_pdbx_database_status.process_site                    BNL 
_pdbx_database_status.SG_entry                        . 
_pdbx_database_status.pdb_format_compatible           Y 
_pdbx_database_status.status_code_mr                  ? 
_pdbx_database_status.status_code_sf                  ? 
_pdbx_database_status.status_code_cs                  ? 
_pdbx_database_status.status_code_nmr_data            ? 
_pdbx_database_status.methods_development_category    ? 
# 
loop_
_audit_author.name 
_audit_author.pdbx_ordinal 
'Heitz, A.'     1 
'Chiche, L.'    2 
'Le-Nguyen, D.' 3 
'Castro, B.'    4 
# 
loop_
_citation.id 
_citation.title 
_citation.journal_abbrev 
_citation.journal_volume 
_citation.page_first 
_citation.page_last 
_citation.year 
_citation.journal_id_ASTM 
_citation.country 
_citation.journal_id_ISSN 
_citation.journal_id_CSD 
_citation.book_publisher 
_citation.pdbx_database_id_PubMed 
_citation.pdbx_database_id_DOI 
primary 
;Use of restrained molecular dynamics in water to determine three-dimensional protein structure: prediction of the three-dimensional structure of Ecballium elaterium trypsin inhibitor II.
;
Proteins     6  405  417 1989 PSFGEY US 0887-3585 0867 ? 2622910 10.1002/prot.340060407 
1       
;1H 2D NMR and Distance Geometry Study of the Folding of Ecballium Elaterium Trypsin Inhibitor, a Member of the Squash Inhibitors Family
;
Biochemistry 28 2392 ?   1989 BICHAW US 0006-2960 0033 ? ?       ?                      
# 
loop_
_citation_author.citation_id 
_citation_author.name 
_citation_author.ordinal 
_citation_author.identifier_ORCID 
primary 'Chiche, L.'    1  ? 
primary 'Gaboriaud, C.' 2  ? 
primary 'Heitz, A.'     3  ? 
primary 'Mornon, J.P.'  4  ? 
primary 'Castro, B.'    5  ? 
primary 'Kollman, P.A.' 6  ? 
1       'Heitz, A.'     7  ? 
1       'Chiche, L.'    8  ? 
1       'Le-Nguyen, D.' 9  ? 
1       'Castro, B.'    10 ? 
# 
_entity.id                         1 
_entity.type                       polymer 
_entity.src_method                 man 
_entity.pdbx_description           'TRYPSIN INHIBITOR II' 
_entity.formula_weight             2907.464 
_entity.pdbx_number_of_molecules   1 
_entity.pdbx_ec                    ? 
_entity.pdbx_mutation              ? 
_entity.pdbx_fragment              ? 
_entity.details                    ? 
# 
_entity_poly.entity_id                      1 
_entity_poly.type                           'polypeptide(L)' 
_entity_poly.nstd_linkage                   no 
_entity_poly.nstd_monomer                   no 
_entity_poly.pdbx_seq_one_letter_code       GCPRILMRCKQDSDCLAGCVCGPNGFCG 
_entity_poly.pdbx_seq_one_letter_code_can   GCPRILMRCKQDSDCLAGCVCGPNGFCG 
_entity_poly.pdbx_strand_id                 A 
_entity_poly.pdbx_target_identifier         ? 
# 
loop_
_entity_poly_seq.entity_id 
_entity_poly_seq.num 
_entity_poly_seq.mon_id 
_entity_poly_seq.hetero 
1 1  GLY n 
1 2  CYS n 
1 3  PRO n 
1 4  ARG n 
1 5  ILE n 
1 6  LEU n 
1 7  MET n 
1 8  ARG n 
1 9  CYS n 
1 10 LYS n 
1 11 GLN n 
1 12 ASP n 
1 13 SER n 
1 14 ASP n 
1 15 CYS n 
1 16 LEU n 
1 17 ALA n 
1 18 GLY n 
1 19 CYS n 
1 20 VAL n 
1 21 CYS n 
1 22 GLY n 
1 23 PRO n 
1 24 ASN n 
1 25 GLY n 
1 26 PHE n 
1 27 CYS n 
1 28 GLY n 
# 
_entity_src_gen.entity_id                          1 
_entity_src_gen.pdbx_src_id                        1 
_entity_src_gen.pdbx_alt_source_flag               sample 
_entity_src_gen.pdbx_seq_type                      ? 
_entity_src_gen.pdbx_beg_seq_num                   ? 
_entity_src_gen.pdbx_end_seq_num                   ? 
_entity_src_gen.gene_src_common_name               'jumping cucumber' 
_entity_src_gen.gene_src_genus                     Ecballium 
_entity_src_gen.pdbx_gene_src_gene                 ? 
_entity_src_gen.gene_src_species                   ? 
_entity_src_gen.gene_src_strain                    ? 
_entity_src_gen.gene_src_tissue                    ? 
_entity_src_gen.gene_src_tissue_fraction           ? 
_entity_src_gen.gene_src_details                   ? 
_entity_src_gen.pdbx_gene_src_fragment             ? 
_entity_src_gen.pdbx_gene_src_scientific_name      'Ecballium elaterium' 
_entity_src_gen.pdbx_gene_src_ncbi_taxonomy_id     3679 
_entity_src_gen.pdbx_gene_src_variant              ? 
_entity_src_gen.pdbx_gene_src_cell_line            ? 
_entity_src_gen.pdbx_gene_src_atcc                 ? 
_entity_src_gen.pdbx_gene_src_organ                ? 
_entity_src_gen.pdbx_gene_src_organelle            ? 
_entity_src_gen.pdbx_gene_src_cell                 ? 
_entity_src_gen.pdbx_gene_src_cellular_location    ? 
_entity_src_gen.host_org_common_name               ? 
_entity_src_gen.pdbx_host_org_scientific_name      ? 
_entity_src_gen.pdbx_host_org_ncbi_taxonomy_id     ? 
_entity_src_gen.host_org_genus                     ? 
_entity_src_gen.pdbx_host_org_gene                 ? 
_entity_src_gen.pdbx_host_org_organ                ? 
_entity_src_gen.host_org_species                   ? 
_entity_src_gen.pdbx_host_org_tissue               ? 
_entity_src_gen.pdbx_host_org_tissue_fraction      ? 
_entity_src_gen.pdbx_host_org_strain               ? 
_entity_src_gen.pdbx_host_org_variant              ? 
_entity_src_gen.pdbx_host_org_cell_line            ? 
_entity_src_gen.pdbx_host_org_atcc                 ? 
_entity_src_gen.pdbx_host_org_culture_collection   ? 
_entity_src_gen.pdbx_host_org_cell                 ? 
_entity_src_gen.pdbx_host_org_organelle            ? 
_entity_src_gen.pdbx_host_org_cellular_location    ? 
_entity_src_gen.pdbx_host_org_vector_type          ? 
_entity_src_gen.pdbx_host_org_vector               ? 
_entity_src_gen.host_org_details                   ? 
_entity_src_gen.expression_system_id               ? 
_entity_src_gen.plasmid_name                       ? 
_entity_src_gen.plasmid_details                    ? 
_entity_src_gen.pdbx_description                   ? 
# 
loop_
_chem_comp.id 
_chem_comp.type 
_chem_comp.mon_nstd_flag 
_chem_comp.name 
_chem_comp.pdbx_synonyms 
_chem_comp.formula 
_chem_comp.formula_weight 
ALA 'L-peptide linking' y ALANINE         ? 'C3 H7 N O2'     89.093  
ARG 'L-peptide linking' y ARGININE        ? 'C6 H15 N4 O2 1' 175.209 
ASN 'L-peptide linking' y ASPARAGINE      ? 'C4 H8 N2 O3'    132.118 
ASP 'L-peptide linking' y 'ASPARTIC ACID' ? 'C4 H7 N O4'     133.103 
CYS 'L-peptide linking' y CYSTEINE        ? 'C3 H7 N O2 S'   121.158 
GLN 'L-peptide linking' y GLUTAMINE       ? 'C5 H10 N2 O3'   146.144 
GLY 'peptide linking'   y GLYCINE         ? 'C2 H5 N O2'     75.067  
ILE 'L-peptide linking' y ISOLEUCINE      ? 'C6 H13 N O2'    131.173 
LEU 'L-peptide linking' y LEUCINE         ? 'C6 H13 N O2'    131.173 
LYS 'L-peptide linking' y LYSINE          ? 'C6 H15 N2 O2 1' 147.195 
MET 'L-peptide linking' y METHIONINE      ? 'C5 H11 N O2 S'  149.211 
PHE 'L-peptide linking' y PHENYLALANINE   ? 'C9 H11 N O2'    165.189 
PRO 'L-peptide linking' y PROLINE         ? 'C5 H9 N O2'     115.130 
SER 'L-peptide linking' y SERINE          ? 'C3 H7 N O3'     105.093 
VAL 'L-peptide linking' y VALINE          ? 'C5 H11 N O2'    117.146 
# 
loop_
_pdbx_poly_seq_scheme.asym_id 
_pdbx_poly_seq_scheme.entity_id 
_pdbx_poly_seq_scheme.seq_id 
_pdbx_poly_seq_scheme.mon_id 
_pdbx_poly_seq_scheme.ndb_seq_num 
_pdbx_poly_seq_scheme.pdb_seq_num 
_pdbx_poly_seq_scheme.auth_seq_num 
_pdbx_poly_seq_scheme.pdb_mon_id 
_pdbx_poly_seq_scheme.auth_mon_id 
_pdbx_poly_seq_scheme.pdb_strand_id 
_pdbx_poly_seq_scheme.pdb_ins_code 
_pdbx_poly_seq_scheme.hetero 
A 1 1  GLY 1  1  1  GLY GLY A . n 
A 1 2  CYS 2  2  2  CYS CYS A . n 
A 1 3  PRO 3  3  3  PRO PRO A . n 
A 1 4  ARG 4  4  4  ARG ARG A . n 
A 1 5  ILE 5  5  5  ILE ILE A . n 
A 1 6  LEU 6  6  6  LEU LEU A . n 
A 1 7  MET 7  7  7  MET MET A . n 
A 1 8  ARG 8  8  8  ARG ARG A . n 
A 1 9  CYS 9  9  9  CYS CYS A . n 
A 1 10 LYS 10 10 10 LYS LYS A . n 
A 1 11 GLN 11 11 11 GLN GLN A . n 
A 1 12 ASP 12 12 12 ASP ASP A . n 
A 1 13 SER 13 13 13 SER SER A . n 
A 1 14 ASP 14 14 14 ASP ASP A . n 
A 1 15 CYS 15 15 15 CYS CYS A . n 
A 1 16 LEU 16 16 16 LEU LEU A . n 
A 1 17 ALA 17 17 17 ALA ALA A . n 
A 1 18 GLY 18 18 18 GLY GLY A . n 
A 1 19 CYS 19 19 19 CYS CYS A . n 
A 1 20 VAL 20 20 20 VAL VAL A . n 
A 1 21 CYS 21 21 21 CYS CYS A . n 
A 1 22 GLY 22 22 22 GLY GLY A . n 
A 1 23 PRO 23 23 23 PRO PRO A . n 
A 1 24 ASN 24 24 24 ASN ASN A . n 
A 1 25 GLY 25 25 25 GLY GLY A . n 
A 1 26 PHE 26 26 26 PHE PHE A . n 
A 1 27 CYS 27 27 27 CYS CYS A . n 
A 1 28 GLY 28 28 28 GLY GLY A . n 
# 
_software.name             SQUASH 
_software.classification   phasing 
_software.version          . 
_software.citation_id      ? 
_software.pdbx_ordinal     1 
# 
_cell.entry_id           2ETI 
_cell.length_a           1.000 
_cell.length_b           1.000 
_cell.length_c           1.000 
_cell.angle_alpha        90.00 
_cell.angle_beta         90.00 
_cell.angle_gamma        90.00 
_cell.Z_PDB              1 
_cell.pdbx_unique_axis   ? 
# 
_symmetry.entry_id                         2ETI 
_symmetry.space_group_name_H-M             'P 1' 
_symmetry.pdbx_full_space_group_name_H-M   ? 
_symmetry.cell_setting                     ? 
_symmetry.Int_Tables_number                1 
# 
_exptl.entry_id          2ETI 
_exptl.method            'SOLUTION NMR' 
_exptl.crystals_number   ? 
# 
_struct.entry_id                  2ETI 
_struct.title                     
;USE OF RESTRAINED MOLECULAR DYNAMICS IN WATER TO DETERMINE THREE-DIMENSIONAL PROTEIN STRUCTURE: PREDICTION OF THE THREE-DIMENSIONAL STRUCTURE OF ECBALLIUM ELATERIUM TRYPSIN INHIBITOR II
;
_struct.pdbx_model_details        ? 
_struct.pdbx_CASP_flag            ? 
_struct.pdbx_model_type_details   ? 
# 
_struct_keywords.entry_id        2ETI 
_struct_keywords.pdbx_keywords   'PROTEIN INHIBITOR' 
_struct_keywords.text            'PROTEIN INHIBITOR' 
# 
_struct_asym.id                            A 
_struct_asym.pdbx_blank_PDB_chainid_flag   Y 
_struct_asym.pdbx_modified                 N 
_struct_asym.entity_id                     1 
_struct_asym.details                       ? 
# 
_struct_ref.id                         1 
_struct_ref.db_name                    UNP 
_struct_ref.db_code                    ITR2_ECBEL 
_struct_ref.entity_id                  1 
_struct_ref.pdbx_db_accession          P12071 
_struct_ref.pdbx_align_begin           1 
_struct_ref.pdbx_seq_one_letter_code   GCPRILMRCKQDSDCLAGCVCGPNGFCGSP 
_struct_ref.pdbx_db_isoform            ? 
# 
_struct_ref_seq.align_id                      1 
_struct_ref_seq.ref_id                        1 
_struct_ref_seq.pdbx_PDB_id_code              2ETI 
_struct_ref_seq.pdbx_strand_id                A 
_struct_ref_seq.seq_align_beg                 1 
_struct_ref_seq.pdbx_seq_align_beg_ins_code   ? 
_struct_ref_seq.seq_align_end                 28 
_struct_ref_seq.pdbx_seq_align_end_ins_code   ? 
_struct_ref_seq.pdbx_db_accession             P12071 
_struct_ref_seq.db_align_beg                  1 
_struct_ref_seq.pdbx_db_align_beg_ins_code    ? 
_struct_ref_seq.db_align_end                  28 
_struct_ref_seq.pdbx_db_align_end_ins_code    ? 
_struct_ref_seq.pdbx_auth_seq_align_beg       1 
_struct_ref_seq.pdbx_auth_seq_align_end       28 
# 
_pdbx_struct_assembly.id                   1 
_pdbx_struct_assembly.details              author_defined_assembly 
_pdbx_struct_assembly.method_details       ? 
_pdbx_struct_assembly.oligomeric_details   monomeric 
_pdbx_struct_assembly.oligomeric_count     1 
# 
_pdbx_struct_assembly_gen.assembly_id       1 
_pdbx_struct_assembly_gen.oper_expression   1 
_pdbx_struct_assembly_gen.asym_id_list      A 
# 
_pdbx_struct_oper_list.id                   1 
_pdbx_struct_oper_list.type                 'identity operation' 
_pdbx_struct_oper_list.name                 1_555 
_pdbx_struct_oper_list.symmetry_operation   x,y,z 
_pdbx_struct_oper_list.matrix[1][1]         1.0000000000 
_pdbx_struct_oper_list.matrix[1][2]         0.0000000000 
_pdbx_struct_oper_list.matrix[1][3]         0.0000000000 
_pdbx_struct_oper_list.vector[1]            0.0000000000 
_pdbx_struct_oper_list.matrix[2][1]         0.0000000000 
_pdbx_struct_oper_list.matrix[2][2]         1.0000000000 
_pdbx_struct_oper_list.matrix[2][3]         0.0000000000 
_pdbx_struct_oper_list.vector[2]            0.0000000000 
_pdbx_struct_oper_list.matrix[3][1]         0.0000000000 
_pdbx_struct_oper_list.matrix[3][2]         0.0000000000 
_pdbx_struct_oper_list.matrix[3][3]         1.0000000000 
_pdbx_struct_oper_list.vector[3]            0.0000000000 
# 
_struct_biol.id   1 
# 
loop_
_struct_conn.id 
_struct_conn.conn_type_id 
_struct_conn.pdbx_leaving_atom_flag 
_struct_conn.pdbx_PDB_id 
_struct_conn.ptnr1_label_asym_id 
_struct_conn.ptnr1_label_comp_id 
_struct_conn.ptnr1_label_seq_id 
_struct_conn.ptnr1_label_atom_id 
_struct_conn.pdbx_ptnr1_label_alt_id 
_struct_conn.pdbx_ptnr1_PDB_ins_code 
_struct_conn.pdbx_ptnr1_standard_comp_id 
_struct_conn.ptnr1_symmetry 
_struct_conn.ptnr2_label_asym_id 
_struct_conn.ptnr2_label_comp_id 
_struct_conn.ptnr2_label_seq_id 
_struct_conn.ptnr2_label_atom_id 
_struct_conn.pdbx_ptnr2_label_alt_id 
_struct_conn.pdbx_ptnr2_PDB_ins_code 
_struct_conn.ptnr1_auth_asym_id 
_struct_conn.ptnr1_auth_comp_id 
_struct_conn.ptnr1_auth_seq_id 
_struct_conn.ptnr2_auth_asym_id 
_struct_conn.ptnr2_auth_comp_id 
_struct_conn.ptnr2_auth_seq_id 
_struct_conn.ptnr2_symmetry 
_struct_conn.pdbx_ptnr3_label_atom_id 
_struct_conn.pdbx_ptnr3_label_seq_id 
_struct_conn.pdbx_ptnr3_label_comp_id 
_struct_conn.pdbx_ptnr3_label_asym_id 
_struct_conn.pdbx_ptnr3_label_alt_id 
_struct_conn.pdbx_ptnr3_PDB_ins_code 
_struct_conn.details 
_struct_conn.pdbx_dist_value 
_struct_conn.pdbx_value_order 
_struct_conn.pdbx_role 
disulf1 disulf ? ? A CYS 2  SG ? ? ? 1_555 A CYS 19 SG ? ? A CYS 2  A CYS 19 1_555 ? ? ? ? ? ? ? 2.040 ? ? 
disulf2 disulf ? ? A CYS 9  SG ? ? ? 1_555 A CYS 21 SG ? ? A CYS 9  A CYS 21 1_555 ? ? ? ? ? ? ? 2.036 ? ? 
disulf3 disulf ? ? A CYS 15 SG ? ? ? 1_555 A CYS 27 SG ? ? A CYS 15 A CYS 27 1_555 ? ? ? ? ? ? ? 2.038 ? ? 
# 
_struct_conn_type.id          disulf 
_struct_conn_type.criteria    ? 
_struct_conn_type.reference   ? 
# 
loop_
_pdbx_modification_feature.ordinal 
_pdbx_modification_feature.label_comp_id 
_pdbx_modification_feature.label_asym_id 
_pdbx_modification_feature.label_seq_id 
_pdbx_modification_feature.label_alt_id 
_pdbx_modification_feature.modified_residue_label_comp_id 
_pdbx_modification_feature.modified_residue_label_asym_id 
_pdbx_modification_feature.modified_residue_label_seq_id 
_pdbx_modification_feature.modified_residue_label_alt_id 
_pdbx_modification_feature.auth_comp_id 
_pdbx_modification_feature.auth_asym_id 
_pdbx_modification_feature.auth_seq_id 
_pdbx_modification_feature.PDB_ins_code 
_pdbx_modification_feature.symmetry 
_pdbx_modification_feature.modified_residue_auth_comp_id 
_pdbx_modification_feature.modified_residue_auth_asym_id 
_pdbx_modification_feature.modified_residue_auth_seq_id 
_pdbx_modification_feature.modified_residue_PDB_ins_code 
_pdbx_modification_feature.modified_residue_symmetry 
_pdbx_modification_feature.comp_id_linking_atom 
_pdbx_modification_feature.modified_residue_id_linking_atom 
_pdbx_modification_feature.modified_residue_id 
_pdbx_modification_feature.ref_pcm_id 
_pdbx_modification_feature.ref_comp_id 
_pdbx_modification_feature.type 
_pdbx_modification_feature.category 
1 CYS A 2  ? CYS A 19 ? CYS A 2  ? 1_555 CYS A 19 ? 1_555 SG SG . . . None 'Disulfide bridge' 
2 CYS A 9  ? CYS A 21 ? CYS A 9  ? 1_555 CYS A 21 ? 1_555 SG SG . . . None 'Disulfide bridge' 
3 CYS A 15 ? CYS A 27 ? CYS A 15 ? 1_555 CYS A 27 ? 1_555 SG SG . . . None 'Disulfide bridge' 
# 
_struct_sheet.id               SH1 
_struct_sheet.type             ? 
_struct_sheet.number_strands   3 
_struct_sheet.details          ? 
# 
loop_
_struct_sheet_order.sheet_id 
_struct_sheet_order.range_id_1 
_struct_sheet_order.range_id_2 
_struct_sheet_order.offset 
_struct_sheet_order.sense 
SH1 1 2 ? anti-parallel 
SH1 2 3 ? anti-parallel 
# 
loop_
_struct_sheet_range.sheet_id 
_struct_sheet_range.id 
_struct_sheet_range.beg_label_comp_id 
_struct_sheet_range.beg_label_asym_id 
_struct_sheet_range.beg_label_seq_id 
_struct_sheet_range.pdbx_beg_PDB_ins_code 
_struct_sheet_range.end_label_comp_id 
_struct_sheet_range.end_label_asym_id 
_struct_sheet_range.end_label_seq_id 
_struct_sheet_range.pdbx_end_PDB_ins_code 
_struct_sheet_range.beg_auth_comp_id 
_struct_sheet_range.beg_auth_asym_id 
_struct_sheet_range.beg_auth_seq_id 
_struct_sheet_range.end_auth_comp_id 
_struct_sheet_range.end_auth_asym_id 
_struct_sheet_range.end_auth_seq_id 
SH1 1 MET A 7  ? CYS A 9  ? MET A 7  CYS A 9  
SH1 2 GLY A 25 ? GLY A 28 ? GLY A 25 GLY A 28 
SH1 3 VAL A 20 ? GLY A 22 ? VAL A 20 GLY A 22 
# 
loop_
_pdbx_struct_sheet_hbond.sheet_id 
_pdbx_struct_sheet_hbond.range_id_1 
_pdbx_struct_sheet_hbond.range_id_2 
_pdbx_struct_sheet_hbond.range_1_label_atom_id 
_pdbx_struct_sheet_hbond.range_1_label_comp_id 
_pdbx_struct_sheet_hbond.range_1_label_asym_id 
_pdbx_struct_sheet_hbond.range_1_label_seq_id 
_pdbx_struct_sheet_hbond.range_1_PDB_ins_code 
_pdbx_struct_sheet_hbond.range_1_auth_atom_id 
_pdbx_struct_sheet_hbond.range_1_auth_comp_id 
_pdbx_struct_sheet_hbond.range_1_auth_asym_id 
_pdbx_struct_sheet_hbond.range_1_auth_seq_id 
_pdbx_struct_sheet_hbond.range_2_label_atom_id 
_pdbx_struct_sheet_hbond.range_2_label_comp_id 
_pdbx_struct_sheet_hbond.range_2_label_asym_id 
_pdbx_struct_sheet_hbond.range_2_label_seq_id 
_pdbx_struct_sheet_hbond.range_2_PDB_ins_code 
_pdbx_struct_sheet_hbond.range_2_auth_atom_id 
_pdbx_struct_sheet_hbond.range_2_auth_comp_id 
_pdbx_struct_sheet_hbond.range_2_auth_asym_id 
_pdbx_struct_sheet_hbond.range_2_auth_seq_id 
SH1 1 2 O MET A 7  ? O MET A 7  N CYS A 27 ? N CYS A 27 
SH1 2 3 N GLY A 28 ? N GLY A 28 O VAL A 20 ? O VAL A 20 
# 
_pdbx_entry_details.entry_id                   2ETI 
_pdbx_entry_details.compound_details           ? 
_pdbx_entry_details.source_details             ? 
_pdbx_entry_details.nonpolymer_details         ? 
_pdbx_entry_details.sequence_details           ? 
_pdbx_entry_details.has_ligand_of_interest     ? 
_pdbx_entry_details.has_protein_modification   Y 
# 
loop_
_pdbx_validate_torsion.id 
_pdbx_validate_torsion.PDB_model_num 
_pdbx_validate_torsion.auth_comp_id 
_pdbx_validate_torsion.auth_asym_id 
_pdbx_validate_torsion.auth_seq_id 
_pdbx_validate_torsion.PDB_ins_code 
_pdbx_validate_torsion.label_alt_id 
_pdbx_validate_torsion.phi 
_pdbx_validate_torsion.psi 
1 1 ARG A 4  ? ? 75.62   127.25  
2 1 LEU A 6  ? ? -163.46 32.73   
3 1 GLN A 11 ? ? -151.94 17.73   
4 1 ASP A 12 ? ? 60.44   -26.98  
5 1 ASP A 14 ? ? -46.46  -17.54  
6 1 PRO A 23 ? ? -42.53  -122.21 
# 
loop_
_pdbx_validate_peptide_omega.id 
_pdbx_validate_peptide_omega.PDB_model_num 
_pdbx_validate_peptide_omega.auth_comp_id_1 
_pdbx_validate_peptide_omega.auth_asym_id_1 
_pdbx_validate_peptide_omega.auth_seq_id_1 
_pdbx_validate_peptide_omega.PDB_ins_code_1 
_pdbx_validate_peptide_omega.label_alt_id_1 
_pdbx_validate_peptide_omega.auth_comp_id_2 
_pdbx_validate_peptide_omega.auth_asym_id_2 
_pdbx_validate_peptide_omega.auth_seq_id_2 
_pdbx_validate_peptide_omega.PDB_ins_code_2 
_pdbx_validate_peptide_omega.label_alt_id_2 
_pdbx_validate_peptide_omega.omega 
1 1 ARG A 4 ? ? ILE A 5  ? ? -145.22 
2 1 CYS A 9 ? ? LYS A 10 ? ? 126.08  
# 
_pdbx_nmr_ensemble.entry_id                             2ETI 
_pdbx_nmr_ensemble.conformers_calculated_total_number   ? 
_pdbx_nmr_ensemble.conformers_submitted_total_number    1 
_pdbx_nmr_ensemble.conformer_selection_criteria         ? 
# 
loop_
_pdbx_nmr_software.classification 
_pdbx_nmr_software.name 
_pdbx_nmr_software.version 
_pdbx_nmr_software.authors 
_pdbx_nmr_software.ordinal 
refinement DISGEO ? HAVEL,WUTHRICH                                     1 
refinement Amber  ? PEARLMAN,CASE,CALDWELL,SIEBEL,SINGH,WEINER,KOLLMAN 2 
# 
loop_
_chem_comp_atom.comp_id 
_chem_comp_atom.atom_id 
_chem_comp_atom.type_symbol 
_chem_comp_atom.pdbx_aromatic_flag 
_chem_comp_atom.pdbx_stereo_config 
_chem_comp_atom.pdbx_ordinal 
ALA N    N N N 1   
ALA CA   C N S 2   
ALA C    C N N 3   
ALA O    O N N 4   
ALA CB   C N N 5   
ALA OXT  O N N 6   
ALA H    H N N 7   
ALA H2   H N N 8   
ALA HA   H N N 9   
ALA HB1  H N N 10  
ALA HB2  H N N 11  
ALA HB3  H N N 12  
ALA HXT  H N N 13  
ARG N    N N N 14  
ARG CA   C N S 15  
ARG C    C N N 16  
ARG O    O N N 17  
ARG CB   C N N 18  
ARG CG   C N N 19  
ARG CD   C N N 20  
ARG NE   N N N 21  
ARG CZ   C N N 22  
ARG NH1  N N N 23  
ARG NH2  N N N 24  
ARG OXT  O N N 25  
ARG H    H N N 26  
ARG H2   H N N 27  
ARG HA   H N N 28  
ARG HB2  H N N 29  
ARG HB3  H N N 30  
ARG HG2  H N N 31  
ARG HG3  H N N 32  
ARG HD2  H N N 33  
ARG HD3  H N N 34  
ARG HE   H N N 35  
ARG HH11 H N N 36  
ARG HH12 H N N 37  
ARG HH21 H N N 38  
ARG HH22 H N N 39  
ARG HXT  H N N 40  
ASN N    N N N 41  
ASN CA   C N S 42  
ASN C    C N N 43  
ASN O    O N N 44  
ASN CB   C N N 45  
ASN CG   C N N 46  
ASN OD1  O N N 47  
ASN ND2  N N N 48  
ASN OXT  O N N 49  
ASN H    H N N 50  
ASN H2   H N N 51  
ASN HA   H N N 52  
ASN HB2  H N N 53  
ASN HB3  H N N 54  
ASN HD21 H N N 55  
ASN HD22 H N N 56  
ASN HXT  H N N 57  
ASP N    N N N 58  
ASP CA   C N S 59  
ASP C    C N N 60  
ASP O    O N N 61  
ASP CB   C N N 62  
ASP CG   C N N 63  
ASP OD1  O N N 64  
ASP OD2  O N N 65  
ASP OXT  O N N 66  
ASP H    H N N 67  
ASP H2   H N N 68  
ASP HA   H N N 69  
ASP HB2  H N N 70  
ASP HB3  H N N 71  
ASP HD2  H N N 72  
ASP HXT  H N N 73  
CYS N    N N N 74  
CYS CA   C N R 75  
CYS C    C N N 76  
CYS O    O N N 77  
CYS CB   C N N 78  
CYS SG   S N N 79  
CYS OXT  O N N 80  
CYS H    H N N 81  
CYS H2   H N N 82  
CYS HA   H N N 83  
CYS HB2  H N N 84  
CYS HB3  H N N 85  
CYS HG   H N N 86  
CYS HXT  H N N 87  
GLN N    N N N 88  
GLN CA   C N S 89  
GLN C    C N N 90  
GLN O    O N N 91  
GLN CB   C N N 92  
GLN CG   C N N 93  
GLN CD   C N N 94  
GLN OE1  O N N 95  
GLN NE2  N N N 96  
GLN OXT  O N N 97  
GLN H    H N N 98  
GLN H2   H N N 99  
GLN HA   H N N 100 
GLN HB2  H N N 101 
GLN HB3  H N N 102 
GLN HG2  H N N 103 
GLN HG3  H N N 104 
GLN HE21 H N N 105 
GLN HE22 H N N 106 
GLN HXT  H N N 107 
GLY N    N N N 108 
GLY CA   C N N 109 
GLY C    C N N 110 
GLY O    O N N 111 
GLY OXT  O N N 112 
GLY H    H N N 113 
GLY H2   H N N 114 
GLY HA2  H N N 115 
GLY HA3  H N N 116 
GLY HXT  H N N 117 
ILE N    N N N 118 
ILE CA   C N S 119 
ILE C    C N N 120 
ILE O    O N N 121 
ILE CB   C N S 122 
ILE CG1  C N N 123 
ILE CG2  C N N 124 
ILE CD1  C N N 125 
ILE OXT  O N N 126 
ILE H    H N N 127 
ILE H2   H N N 128 
ILE HA   H N N 129 
ILE HB   H N N 130 
ILE HG12 H N N 131 
ILE HG13 H N N 132 
ILE HG21 H N N 133 
ILE HG22 H N N 134 
ILE HG23 H N N 135 
ILE HD11 H N N 136 
ILE HD12 H N N 137 
ILE HD13 H N N 138 
ILE HXT  H N N 139 
LEU N    N N N 140 
LEU CA   C N S 141 
LEU C    C N N 142 
LEU O    O N N 143 
LEU CB   C N N 144 
LEU CG   C N N 145 
LEU CD1  C N N 146 
LEU CD2  C N N 147 
LEU OXT  O N N 148 
LEU H    H N N 149 
LEU H2   H N N 150 
LEU HA   H N N 151 
LEU HB2  H N N 152 
LEU HB3  H N N 153 
LEU HG   H N N 154 
LEU HD11 H N N 155 
LEU HD12 H N N 156 
LEU HD13 H N N 157 
LEU HD21 H N N 158 
LEU HD22 H N N 159 
LEU HD23 H N N 160 
LEU HXT  H N N 161 
LYS N    N N N 162 
LYS CA   C N S 163 
LYS C    C N N 164 
LYS O    O N N 165 
LYS CB   C N N 166 
LYS CG   C N N 167 
LYS CD   C N N 168 
LYS CE   C N N 169 
LYS NZ   N N N 170 
LYS OXT  O N N 171 
LYS H    H N N 172 
LYS H2   H N N 173 
LYS HA   H N N 174 
LYS HB2  H N N 175 
LYS HB3  H N N 176 
LYS HG2  H N N 177 
LYS HG3  H N N 178 
LYS HD2  H N N 179 
LYS HD3  H N N 180 
LYS HE2  H N N 181 
LYS HE3  H N N 182 
LYS HZ1  H N N 183 
LYS HZ2  H N N 184 
LYS HZ3  H N N 185 
LYS HXT  H N N 186 
MET N    N N N 187 
MET CA   C N S 188 
MET C    C N N 189 
MET O    O N N 190 
MET CB   C N N 191 
MET CG   C N N 192 
MET SD   S N N 193 
MET CE   C N N 194 
MET OXT  O N N 195 
MET H    H N N 196 
MET H2   H N N 197 
MET HA   H N N 198 
MET HB2  H N N 199 
MET HB3  H N N 200 
MET HG2  H N N 201 
MET HG3  H N N 202 
MET HE1  H N N 203 
MET HE2  H N N 204 
MET HE3  H N N 205 
MET HXT  H N N 206 
PHE N    N N N 207 
PHE CA   C N S 208 
PHE C    C N N 209 
PHE O    O N N 210 
PHE CB   C N N 211 
PHE CG   C Y N 212 
PHE CD1  C Y N 213 
PHE CD2  C Y N 214 
PHE CE1  C Y N 215 
PHE CE2  C Y N 216 
PHE CZ   C Y N 217 
PHE OXT  O N N 218 
PHE H    H N N 219 
PHE H2   H N N 220 
PHE HA   H N N 221 
PHE HB2  H N N 222 
PHE HB3  H N N 223 
PHE HD1  H N N 224 
PHE HD2  H N N 225 
PHE HE1  H N N 226 
PHE HE2  H N N 227 
PHE HZ   H N N 228 
PHE HXT  H N N 229 
PRO N    N N N 230 
PRO CA   C N S 231 
PRO C    C N N 232 
PRO O    O N N 233 
PRO CB   C N N 234 
PRO CG   C N N 235 
PRO CD   C N N 236 
PRO OXT  O N N 237 
PRO H    H N N 238 
PRO HA   H N N 239 
PRO HB2  H N N 240 
PRO HB3  H N N 241 
PRO HG2  H N N 242 
PRO HG3  H N N 243 
PRO HD2  H N N 244 
PRO HD3  H N N 245 
PRO HXT  H N N 246 
SER N    N N N 247 
SER CA   C N S 248 
SER C    C N N 249 
SER O    O N N 250 
SER CB   C N N 251 
SER OG   O N N 252 
SER OXT  O N N 253 
SER H    H N N 254 
SER H2   H N N 255 
SER HA   H N N 256 
SER HB2  H N N 257 
SER HB3  H N N 258 
SER HG   H N N 259 
SER HXT  H N N 260 
VAL N    N N N 261 
VAL CA   C N S 262 
VAL C    C N N 263 
VAL O    O N N 264 
VAL CB   C N N 265 
VAL CG1  C N N 266 
VAL CG2  C N N 267 
VAL OXT  O N N 268 
VAL H    H N N 269 
VAL H2   H N N 270 
VAL HA   H N N 271 
VAL HB   H N N 272 
VAL HG11 H N N 273 
VAL HG12 H N N 274 
VAL HG13 H N N 275 
VAL HG21 H N N 276 
VAL HG22 H N N 277 
VAL HG23 H N N 278 
VAL HXT  H N N 279 
# 
loop_
_chem_comp_bond.comp_id 
_chem_comp_bond.atom_id_1 
_chem_comp_bond.atom_id_2 
_chem_comp_bond.value_order 
_chem_comp_bond.pdbx_aromatic_flag 
_chem_comp_bond.pdbx_stereo_config 
_chem_comp_bond.pdbx_ordinal 
ALA N   CA   sing N N 1   
ALA N   H    sing N N 2   
ALA N   H2   sing N N 3   
ALA CA  C    sing N N 4   
ALA CA  CB   sing N N 5   
ALA CA  HA   sing N N 6   
ALA C   O    doub N N 7   
ALA C   OXT  sing N N 8   
ALA CB  HB1  sing N N 9   
ALA CB  HB2  sing N N 10  
ALA CB  HB3  sing N N 11  
ALA OXT HXT  sing N N 12  
ARG N   CA   sing N N 13  
ARG N   H    sing N N 14  
ARG N   H2   sing N N 15  
ARG CA  C    sing N N 16  
ARG CA  CB   sing N N 17  
ARG CA  HA   sing N N 18  
ARG C   O    doub N N 19  
ARG C   OXT  sing N N 20  
ARG CB  CG   sing N N 21  
ARG CB  HB2  sing N N 22  
ARG CB  HB3  sing N N 23  
ARG CG  CD   sing N N 24  
ARG CG  HG2  sing N N 25  
ARG CG  HG3  sing N N 26  
ARG CD  NE   sing N N 27  
ARG CD  HD2  sing N N 28  
ARG CD  HD3  sing N N 29  
ARG NE  CZ   sing N N 30  
ARG NE  HE   sing N N 31  
ARG CZ  NH1  sing N N 32  
ARG CZ  NH2  doub N N 33  
ARG NH1 HH11 sing N N 34  
ARG NH1 HH12 sing N N 35  
ARG NH2 HH21 sing N N 36  
ARG NH2 HH22 sing N N 37  
ARG OXT HXT  sing N N 38  
ASN N   CA   sing N N 39  
ASN N   H    sing N N 40  
ASN N   H2   sing N N 41  
ASN CA  C    sing N N 42  
ASN CA  CB   sing N N 43  
ASN CA  HA   sing N N 44  
ASN C   O    doub N N 45  
ASN C   OXT  sing N N 46  
ASN CB  CG   sing N N 47  
ASN CB  HB2  sing N N 48  
ASN CB  HB3  sing N N 49  
ASN CG  OD1  doub N N 50  
ASN CG  ND2  sing N N 51  
ASN ND2 HD21 sing N N 52  
ASN ND2 HD22 sing N N 53  
ASN OXT HXT  sing N N 54  
ASP N   CA   sing N N 55  
ASP N   H    sing N N 56  
ASP N   H2   sing N N 57  
ASP CA  C    sing N N 58  
ASP CA  CB   sing N N 59  
ASP CA  HA   sing N N 60  
ASP C   O    doub N N 61  
ASP C   OXT  sing N N 62  
ASP CB  CG   sing N N 63  
ASP CB  HB2  sing N N 64  
ASP CB  HB3  sing N N 65  
ASP CG  OD1  doub N N 66  
ASP CG  OD2  sing N N 67  
ASP OD2 HD2  sing N N 68  
ASP OXT HXT  sing N N 69  
CYS N   CA   sing N N 70  
CYS N   H    sing N N 71  
CYS N   H2   sing N N 72  
CYS CA  C    sing N N 73  
CYS CA  CB   sing N N 74  
CYS CA  HA   sing N N 75  
CYS C   O    doub N N 76  
CYS C   OXT  sing N N 77  
CYS CB  SG   sing N N 78  
CYS CB  HB2  sing N N 79  
CYS CB  HB3  sing N N 80  
CYS SG  HG   sing N N 81  
CYS OXT HXT  sing N N 82  
GLN N   CA   sing N N 83  
GLN N   H    sing N N 84  
GLN N   H2   sing N N 85  
GLN CA  C    sing N N 86  
GLN CA  CB   sing N N 87  
GLN CA  HA   sing N N 88  
GLN C   O    doub N N 89  
GLN C   OXT  sing N N 90  
GLN CB  CG   sing N N 91  
GLN CB  HB2  sing N N 92  
GLN CB  HB3  sing N N 93  
GLN CG  CD   sing N N 94  
GLN CG  HG2  sing N N 95  
GLN CG  HG3  sing N N 96  
GLN CD  OE1  doub N N 97  
GLN CD  NE2  sing N N 98  
GLN NE2 HE21 sing N N 99  
GLN NE2 HE22 sing N N 100 
GLN OXT HXT  sing N N 101 
GLY N   CA   sing N N 102 
GLY N   H    sing N N 103 
GLY N   H2   sing N N 104 
GLY CA  C    sing N N 105 
GLY CA  HA2  sing N N 106 
GLY CA  HA3  sing N N 107 
GLY C   O    doub N N 108 
GLY C   OXT  sing N N 109 
GLY OXT HXT  sing N N 110 
ILE N   CA   sing N N 111 
ILE N   H    sing N N 112 
ILE N   H2   sing N N 113 
ILE CA  C    sing N N 114 
ILE CA  CB   sing N N 115 
ILE CA  HA   sing N N 116 
ILE C   O    doub N N 117 
ILE C   OXT  sing N N 118 
ILE CB  CG1  sing N N 119 
ILE CB  CG2  sing N N 120 
ILE CB  HB   sing N N 121 
ILE CG1 CD1  sing N N 122 
ILE CG1 HG12 sing N N 123 
ILE CG1 HG13 sing N N 124 
ILE CG2 HG21 sing N N 125 
ILE CG2 HG22 sing N N 126 
ILE CG2 HG23 sing N N 127 
ILE CD1 HD11 sing N N 128 
ILE CD1 HD12 sing N N 129 
ILE CD1 HD13 sing N N 130 
ILE OXT HXT  sing N N 131 
LEU N   CA   sing N N 132 
LEU N   H    sing N N 133 
LEU N   H2   sing N N 134 
LEU CA  C    sing N N 135 
LEU CA  CB   sing N N 136 
LEU CA  HA   sing N N 137 
LEU C   O    doub N N 138 
LEU C   OXT  sing N N 139 
LEU CB  CG   sing N N 140 
LEU CB  HB2  sing N N 141 
LEU CB  HB3  sing N N 142 
LEU CG  CD1  sing N N 143 
LEU CG  CD2  sing N N 144 
LEU CG  HG   sing N N 145 
LEU CD1 HD11 sing N N 146 
LEU CD1 HD12 sing N N 147 
LEU CD1 HD13 sing N N 148 
LEU CD2 HD21 sing N N 149 
LEU CD2 HD22 sing N N 150 
LEU CD2 HD23 sing N N 151 
LEU OXT HXT  sing N N 152 
LYS N   CA   sing N N 153 
LYS N   H    sing N N 154 
LYS N   H2   sing N N 155 
LYS CA  C    sing N N 156 
LYS CA  CB   sing N N 157 
LYS CA  HA   sing N N 158 
LYS C   O    doub N N 159 
LYS C   OXT  sing N N 160 
LYS CB  CG   sing N N 161 
LYS CB  HB2  sing N N 162 
LYS CB  HB3  sing N N 163 
LYS CG  CD   sing N N 164 
LYS CG  HG2  sing N N 165 
LYS CG  HG3  sing N N 166 
LYS CD  CE   sing N N 167 
LYS CD  HD2  sing N N 168 
LYS CD  HD3  sing N N 169 
LYS CE  NZ   sing N N 170 
LYS CE  HE2  sing N N 171 
LYS CE  HE3  sing N N 172 
LYS NZ  HZ1  sing N N 173 
LYS NZ  HZ2  sing N N 174 
LYS NZ  HZ3  sing N N 175 
LYS OXT HXT  sing N N 176 
MET N   CA   sing N N 177 
MET N   H    sing N N 178 
MET N   H2   sing N N 179 
MET CA  C    sing N N 180 
MET CA  CB   sing N N 181 
MET CA  HA   sing N N 182 
MET C   O    doub N N 183 
MET C   OXT  sing N N 184 
MET CB  CG   sing N N 185 
MET CB  HB2  sing N N 186 
MET CB  HB3  sing N N 187 
MET CG  SD   sing N N 188 
MET CG  HG2  sing N N 189 
MET CG  HG3  sing N N 190 
MET SD  CE   sing N N 191 
MET CE  HE1  sing N N 192 
MET CE  HE2  sing N N 193 
MET CE  HE3  sing N N 194 
MET OXT HXT  sing N N 195 
PHE N   CA   sing N N 196 
PHE N   H    sing N N 197 
PHE N   H2   sing N N 198 
PHE CA  C    sing N N 199 
PHE CA  CB   sing N N 200 
PHE CA  HA   sing N N 201 
PHE C   O    doub N N 202 
PHE C   OXT  sing N N 203 
PHE CB  CG   sing N N 204 
PHE CB  HB2  sing N N 205 
PHE CB  HB3  sing N N 206 
PHE CG  CD1  doub Y N 207 
PHE CG  CD2  sing Y N 208 
PHE CD1 CE1  sing Y N 209 
PHE CD1 HD1  sing N N 210 
PHE CD2 CE2  doub Y N 211 
PHE CD2 HD2  sing N N 212 
PHE CE1 CZ   doub Y N 213 
PHE CE1 HE1  sing N N 214 
PHE CE2 CZ   sing Y N 215 
PHE CE2 HE2  sing N N 216 
PHE CZ  HZ   sing N N 217 
PHE OXT HXT  sing N N 218 
PRO N   CA   sing N N 219 
PRO N   CD   sing N N 220 
PRO N   H    sing N N 221 
PRO CA  C    sing N N 222 
PRO CA  CB   sing N N 223 
PRO CA  HA   sing N N 224 
PRO C   O    doub N N 225 
PRO C   OXT  sing N N 226 
PRO CB  CG   sing N N 227 
PRO CB  HB2  sing N N 228 
PRO CB  HB3  sing N N 229 
PRO CG  CD   sing N N 230 
PRO CG  HG2  sing N N 231 
PRO CG  HG3  sing N N 232 
PRO CD  HD2  sing N N 233 
PRO CD  HD3  sing N N 234 
PRO OXT HXT  sing N N 235 
SER N   CA   sing N N 236 
SER N   H    sing N N 237 
SER N   H2   sing N N 238 
SER CA  C    sing N N 239 
SER CA  CB   sing N N 240 
SER CA  HA   sing N N 241 
SER C   O    doub N N 242 
SER C   OXT  sing N N 243 
SER CB  OG   sing N N 244 
SER CB  HB2  sing N N 245 
SER CB  HB3  sing N N 246 
SER OG  HG   sing N N 247 
SER OXT HXT  sing N N 248 
VAL N   CA   sing N N 249 
VAL N   H    sing N N 250 
VAL N   H2   sing N N 251 
VAL CA  C    sing N N 252 
VAL CA  CB   sing N N 253 
VAL CA  HA   sing N N 254 
VAL C   O    doub N N 255 
VAL C   OXT  sing N N 256 
VAL CB  CG1  sing N N 257 
VAL CB  CG2  sing N N 258 
VAL CB  HB   sing N N 259 
VAL CG1 HG11 sing N N 260 
VAL CG1 HG12 sing N N 261 
VAL CG1 HG13 sing N N 262 
VAL CG2 HG21 sing N N 263 
VAL CG2 HG22 sing N N 264 
VAL CG2 HG23 sing N N 265 
VAL OXT HXT  sing N N 266 
# 
_atom_sites.entry_id                    2ETI 
_atom_sites.fract_transf_matrix[1][1]   1.000000 
_atom_sites.fract_transf_matrix[1][2]   0.000000 
_atom_sites.fract_transf_matrix[1][3]   0.000000 
_atom_sites.fract_transf_matrix[2][1]   0.000000 
_atom_sites.fract_transf_matrix[2][2]   1.000000 
_atom_sites.fract_transf_matrix[2][3]   0.000000 
_atom_sites.fract_transf_matrix[3][1]   0.000000 
_atom_sites.fract_transf_matrix[3][2]   0.000000 
_atom_sites.fract_transf_matrix[3][3]   1.000000 
_atom_sites.fract_transf_vector[1]      0.00000 
_atom_sites.fract_transf_vector[2]      0.00000 
_atom_sites.fract_transf_vector[3]      0.00000 
# 
loop_
_atom_type.symbol 
C 
H 
N 
O 
S 
# 
loop_
_atom_site.group_PDB 
_atom_site.id 
_atom_site.type_symbol 
_atom_site.label_atom_id 
_atom_site.label_alt_id 
_atom_site.label_comp_id 
_atom_site.label_asym_id 
_atom_site.label_entity_id 
_atom_site.label_seq_id 
_atom_site.pdbx_PDB_ins_code 
_atom_site.Cartn_x 
_atom_site.Cartn_y 
_atom_site.Cartn_z 
_atom_site.occupancy 
_atom_site.B_iso_or_equiv 
_atom_site.pdbx_formal_charge 
_atom_site.auth_seq_id 
_atom_site.auth_comp_id 
_atom_site.auth_asym_id 
_atom_site.auth_atom_id 
_atom_site.pdbx_PDB_model_num 
ATOM 1   N N    . GLY A 1 1  ? -7.743  2.884  6.249   1.00 0.00 ? 1  GLY A N    1 
ATOM 2   C CA   . GLY A 1 1  ? -6.365  3.124  6.702   1.00 0.00 ? 1  GLY A CA   1 
ATOM 3   C C    . GLY A 1 1  ? -5.369  2.355  5.847   1.00 0.00 ? 1  GLY A C    1 
ATOM 4   O O    . GLY A 1 1  ? -5.596  2.115  4.664   1.00 0.00 ? 1  GLY A O    1 
ATOM 5   H H1   . GLY A 1 1  ? -7.854  1.880  6.271   1.00 0.00 ? 1  GLY A H1   1 
ATOM 6   H H2   . GLY A 1 1  ? -8.415  3.279  6.891   1.00 0.00 ? 1  GLY A H2   1 
ATOM 7   H H3   . GLY A 1 1  ? -7.871  3.213  5.303   1.00 0.00 ? 1  GLY A H3   1 
ATOM 8   H HA2  . GLY A 1 1  ? -6.138  4.189  6.658   1.00 0.00 ? 1  GLY A HA2  1 
ATOM 9   H HA3  . GLY A 1 1  ? -6.363  2.790  7.740   1.00 0.00 ? 1  GLY A HA3  1 
ATOM 10  N N    . CYS A 1 2  ? -4.215  1.976  6.401   1.00 0.00 ? 2  CYS A N    1 
ATOM 11  C CA   . CYS A 1 2  ? -3.088  1.457  5.650   1.00 0.00 ? 2  CYS A CA   1 
ATOM 12  C C    . CYS A 1 2  ? -3.362  0.125  4.967   1.00 0.00 ? 2  CYS A C    1 
ATOM 13  O O    . CYS A 1 2  ? -3.250  0.029  3.748   1.00 0.00 ? 2  CYS A O    1 
ATOM 14  C CB   . CYS A 1 2  ? -1.833  1.407  6.518   1.00 0.00 ? 2  CYS A CB   1 
ATOM 15  S SG   . CYS A 1 2  ? -0.593  0.188  6.016   1.00 0.00 ? 2  CYS A SG   1 
ATOM 16  H H    . CYS A 1 2  ? -4.045  2.304  7.342   1.00 0.00 ? 2  CYS A H    1 
ATOM 17  H HA   . CYS A 1 2  ? -2.902  2.189  4.864   1.00 0.00 ? 2  CYS A HA   1 
ATOM 18  H HB2  . CYS A 1 2  ? -1.360  2.391  6.525   1.00 0.00 ? 2  CYS A HB2  1 
ATOM 19  H HB3  . CYS A 1 2  ? -2.114  1.174  7.545   1.00 0.00 ? 2  CYS A HB3  1 
ATOM 20  N N    . PRO A 1 3  ? -3.679  -0.940 5.710   1.00 0.00 ? 3  PRO A N    1 
ATOM 21  C CA   . PRO A 1 3  ? -4.067  -2.207 5.129   1.00 0.00 ? 3  PRO A CA   1 
ATOM 22  C C    . PRO A 1 3  ? -5.448  -2.088 4.499   1.00 0.00 ? 3  PRO A C    1 
ATOM 23  O O    . PRO A 1 3  ? -6.115  -1.065 4.629   1.00 0.00 ? 3  PRO A O    1 
ATOM 24  C CB   . PRO A 1 3  ? -4.022  -3.184 6.299   1.00 0.00 ? 3  PRO A CB   1 
ATOM 25  C CG   . PRO A 1 3  ? -4.429  -2.299 7.474   1.00 0.00 ? 3  PRO A CG   1 
ATOM 26  C CD   . PRO A 1 3  ? -3.694  -0.998 7.159   1.00 0.00 ? 3  PRO A CD   1 
ATOM 27  H HA   . PRO A 1 3  ? -3.352  -2.509 4.364   1.00 0.00 ? 3  PRO A HA   1 
ATOM 28  H HB2  . PRO A 1 3  ? -4.690  -4.038 6.188   1.00 0.00 ? 3  PRO A HB2  1 
ATOM 29  H HB3  . PRO A 1 3  ? -3.002  -3.546 6.429   1.00 0.00 ? 3  PRO A HB3  1 
ATOM 30  H HG2  . PRO A 1 3  ? -5.507  -2.157 7.398   1.00 0.00 ? 3  PRO A HG2  1 
ATOM 31  H HG3  . PRO A 1 3  ? -4.175  -2.669 8.468   1.00 0.00 ? 3  PRO A HG3  1 
ATOM 32  H HD2  . PRO A 1 3  ? -4.179  -0.137 7.616   1.00 0.00 ? 3  PRO A HD2  1 
ATOM 33  H HD3  . PRO A 1 3  ? -2.667  -1.067 7.518   1.00 0.00 ? 3  PRO A HD3  1 
ATOM 34  N N    . ARG A 1 4  ? -5.912  -3.164 3.860   1.00 0.00 ? 4  ARG A N    1 
ATOM 35  C CA   . ARG A 1 4  ? -7.175  -3.386 3.182   1.00 0.00 ? 4  ARG A CA   1 
ATOM 36  C C    . ARG A 1 4  ? -7.153  -2.663 1.842   1.00 0.00 ? 4  ARG A C    1 
ATOM 37  O O    . ARG A 1 4  ? -6.769  -1.500 1.764   1.00 0.00 ? 4  ARG A O    1 
ATOM 38  C CB   . ARG A 1 4  ? -8.383  -3.126 4.079   1.00 0.00 ? 4  ARG A CB   1 
ATOM 39  C CG   . ARG A 1 4  ? -8.400  -3.836 5.430   1.00 0.00 ? 4  ARG A CG   1 
ATOM 40  C CD   . ARG A 1 4  ? -8.321  -5.351 5.270   1.00 0.00 ? 4  ARG A CD   1 
ATOM 41  N NE   . ARG A 1 4  ? -6.928  -5.799 5.290   1.00 0.00 ? 4  ARG A NE   1 
ATOM 42  C CZ   . ARG A 1 4  ? -6.602  -7.099 5.327   1.00 0.00 ? 4  ARG A CZ   1 
ATOM 43  N NH1  . ARG A 1 4  ? -7.558  -8.022 5.157   1.00 0.00 ? 4  ARG A NH1  1 
ATOM 44  N NH2  . ARG A 1 4  ? -5.340  -7.497 5.537   1.00 0.00 ? 4  ARG A NH2  1 
ATOM 45  H H    . ARG A 1 4  ? -5.254  -3.914 3.721   1.00 0.00 ? 4  ARG A H    1 
ATOM 46  H HA   . ARG A 1 4  ? -7.151  -4.450 2.944   1.00 0.00 ? 4  ARG A HA   1 
ATOM 47  H HB2  . ARG A 1 4  ? -8.463  -2.058 4.284   1.00 0.00 ? 4  ARG A HB2  1 
ATOM 48  H HB3  . ARG A 1 4  ? -9.281  -3.483 3.575   1.00 0.00 ? 4  ARG A HB3  1 
ATOM 49  H HG2  . ARG A 1 4  ? -7.592  -3.462 6.058   1.00 0.00 ? 4  ARG A HG2  1 
ATOM 50  H HG3  . ARG A 1 4  ? -9.344  -3.608 5.926   1.00 0.00 ? 4  ARG A HG3  1 
ATOM 51  H HD2  . ARG A 1 4  ? -8.870  -5.821 6.085   1.00 0.00 ? 4  ARG A HD2  1 
ATOM 52  H HD3  . ARG A 1 4  ? -8.773  -5.674 4.332   1.00 0.00 ? 4  ARG A HD3  1 
ATOM 53  H HE   . ARG A 1 4  ? -6.186  -5.123 5.200   1.00 0.00 ? 4  ARG A HE   1 
ATOM 54  H HH11 . ARG A 1 4  ? -8.514  -7.773 4.951   1.00 0.00 ? 4  ARG A HH11 1 
ATOM 55  H HH12 . ARG A 1 4  ? -7.325  -9.004 5.175   1.00 0.00 ? 4  ARG A HH12 1 
ATOM 56  H HH21 . ARG A 1 4  ? -4.630  -6.849 5.844   1.00 0.00 ? 4  ARG A HH21 1 
ATOM 57  H HH22 . ARG A 1 4  ? -5.095  -8.476 5.570   1.00 0.00 ? 4  ARG A HH22 1 
ATOM 58  N N    . ILE A 1 5  ? -7.452  -3.373 0.751   1.00 0.00 ? 5  ILE A N    1 
ATOM 59  C CA   . ILE A 1 5  ? -6.827  -3.143 -0.536  1.00 0.00 ? 5  ILE A CA   1 
ATOM 60  C C    . ILE A 1 5  ? -7.523  -2.086 -1.383  1.00 0.00 ? 5  ILE A C    1 
ATOM 61  O O    . ILE A 1 5  ? -8.484  -2.368 -2.094  1.00 0.00 ? 5  ILE A O    1 
ATOM 62  C CB   . ILE A 1 5  ? -6.591  -4.446 -1.294  1.00 0.00 ? 5  ILE A CB   1 
ATOM 63  C CG1  . ILE A 1 5  ? -7.782  -5.393 -1.414  1.00 0.00 ? 5  ILE A CG1  1 
ATOM 64  C CG2  . ILE A 1 5  ? -5.379  -5.179 -0.730  1.00 0.00 ? 5  ILE A CG2  1 
ATOM 65  C CD1  . ILE A 1 5  ? -7.600  -6.417 -2.531  1.00 0.00 ? 5  ILE A CD1  1 
ATOM 66  H H    . ILE A 1 5  ? -8.042  -4.189 0.824   1.00 0.00 ? 5  ILE A H    1 
ATOM 67  H HA   . ILE A 1 5  ? -5.839  -2.722 -0.343  1.00 0.00 ? 5  ILE A HA   1 
ATOM 68  H HB   . ILE A 1 5  ? -6.325  -4.147 -2.309  1.00 0.00 ? 5  ILE A HB   1 
ATOM 69  H HG12 . ILE A 1 5  ? -7.926  -5.959 -0.492  1.00 0.00 ? 5  ILE A HG12 1 
ATOM 70  H HG13 . ILE A 1 5  ? -8.697  -4.862 -1.670  1.00 0.00 ? 5  ILE A HG13 1 
ATOM 71  H HG21 . ILE A 1 5  ? -4.587  -4.467 -0.496  1.00 0.00 ? 5  ILE A HG21 1 
ATOM 72  H HG22 . ILE A 1 5  ? -5.607  -5.734 0.180   1.00 0.00 ? 5  ILE A HG22 1 
ATOM 73  H HG23 . ILE A 1 5  ? -5.009  -5.870 -1.489  1.00 0.00 ? 5  ILE A HG23 1 
ATOM 74  H HD11 . ILE A 1 5  ? -7.495  -5.902 -3.486  1.00 0.00 ? 5  ILE A HD11 1 
ATOM 75  H HD12 . ILE A 1 5  ? -6.736  -7.051 -2.345  1.00 0.00 ? 5  ILE A HD12 1 
ATOM 76  H HD13 . ILE A 1 5  ? -8.498  -7.033 -2.547  1.00 0.00 ? 5  ILE A HD13 1 
ATOM 77  N N    . LEU A 1 6  ? -6.985  -0.864 -1.335  1.00 0.00 ? 6  LEU A N    1 
ATOM 78  C CA   . LEU A 1 6  ? -7.328  0.258  -2.183  1.00 0.00 ? 6  LEU A CA   1 
ATOM 79  C C    . LEU A 1 6  ? -6.273  1.354  -2.141  1.00 0.00 ? 6  LEU A C    1 
ATOM 80  O O    . LEU A 1 6  ? -6.564  2.541  -2.275  1.00 0.00 ? 6  LEU A O    1 
ATOM 81  C CB   . LEU A 1 6  ? -8.744  0.764  -1.916  1.00 0.00 ? 6  LEU A CB   1 
ATOM 82  C CG   . LEU A 1 6  ? -9.180  0.721  -0.454  1.00 0.00 ? 6  LEU A CG   1 
ATOM 83  C CD1  . LEU A 1 6  ? -8.134  1.300  0.493   1.00 0.00 ? 6  LEU A CD1  1 
ATOM 84  C CD2  . LEU A 1 6  ? -10.481 1.482  -0.213  1.00 0.00 ? 6  LEU A CD2  1 
ATOM 85  H H    . LEU A 1 6  ? -6.238  -0.742 -0.664  1.00 0.00 ? 6  LEU A H    1 
ATOM 86  H HA   . LEU A 1 6  ? -7.272  -0.095 -3.214  1.00 0.00 ? 6  LEU A HA   1 
ATOM 87  H HB2  . LEU A 1 6  ? -8.852  1.768  -2.325  1.00 0.00 ? 6  LEU A HB2  1 
ATOM 88  H HB3  . LEU A 1 6  ? -9.434  0.154  -2.497  1.00 0.00 ? 6  LEU A HB3  1 
ATOM 89  H HG   . LEU A 1 6  ? -9.369  -0.316 -0.170  1.00 0.00 ? 6  LEU A HG   1 
ATOM 90  H HD11 . LEU A 1 6  ? -7.841  2.283  0.126   1.00 0.00 ? 6  LEU A HD11 1 
ATOM 91  H HD12 . LEU A 1 6  ? -8.547  1.392  1.497   1.00 0.00 ? 6  LEU A HD12 1 
ATOM 92  H HD13 . LEU A 1 6  ? -7.258  0.653  0.562   1.00 0.00 ? 6  LEU A HD13 1 
ATOM 93  H HD21 . LEU A 1 6  ? -11.274 1.048  -0.819  1.00 0.00 ? 6  LEU A HD21 1 
ATOM 94  H HD22 . LEU A 1 6  ? -10.771 1.412  0.837   1.00 0.00 ? 6  LEU A HD22 1 
ATOM 95  H HD23 . LEU A 1 6  ? -10.339 2.533  -0.463  1.00 0.00 ? 6  LEU A HD23 1 
ATOM 96  N N    . MET A 1 7  ? -5.005  0.975  -1.971  1.00 0.00 ? 7  MET A N    1 
ATOM 97  C CA   . MET A 1 7  ? -3.860  1.840  -2.179  1.00 0.00 ? 7  MET A CA   1 
ATOM 98  C C    . MET A 1 7  ? -2.907  0.925  -2.932  1.00 0.00 ? 7  MET A C    1 
ATOM 99  O O    . MET A 1 7  ? -2.416  -0.041 -2.351  1.00 0.00 ? 7  MET A O    1 
ATOM 100 C CB   . MET A 1 7  ? -3.195  2.295  -0.882  1.00 0.00 ? 7  MET A CB   1 
ATOM 101 C CG   . MET A 1 7  ? -3.927  3.329  -0.031  1.00 0.00 ? 7  MET A CG   1 
ATOM 102 S SD   . MET A 1 7  ? -5.298  2.824  1.036   1.00 0.00 ? 7  MET A SD   1 
ATOM 103 C CE   . MET A 1 7  ? -4.795  1.130  1.431   1.00 0.00 ? 7  MET A CE   1 
ATOM 104 H H    . MET A 1 7  ? -4.805  -0.016 -1.949  1.00 0.00 ? 7  MET A H    1 
ATOM 105 H HA   . MET A 1 7  ? -4.120  2.719  -2.771  1.00 0.00 ? 7  MET A HA   1 
ATOM 106 H HB2  . MET A 1 7  ? -2.908  1.423  -0.293  1.00 0.00 ? 7  MET A HB2  1 
ATOM 107 H HB3  . MET A 1 7  ? -2.273  2.777  -1.202  1.00 0.00 ? 7  MET A HB3  1 
ATOM 108 H HG2  . MET A 1 7  ? -3.172  3.723  0.651   1.00 0.00 ? 7  MET A HG2  1 
ATOM 109 H HG3  . MET A 1 7  ? -4.291  4.154  -0.645  1.00 0.00 ? 7  MET A HG3  1 
ATOM 110 H HE1  . MET A 1 7  ? -3.744  1.153  1.724   1.00 0.00 ? 7  MET A HE1  1 
ATOM 111 H HE2  . MET A 1 7  ? -5.401  0.742  2.248   1.00 0.00 ? 7  MET A HE2  1 
ATOM 112 H HE3  . MET A 1 7  ? -4.948  0.523  0.539   1.00 0.00 ? 7  MET A HE3  1 
ATOM 113 N N    . ARG A 1 8  ? -2.783  1.131  -4.244  1.00 0.00 ? 8  ARG A N    1 
ATOM 114 C CA   . ARG A 1 8  ? -2.405  0.108  -5.197  1.00 0.00 ? 8  ARG A CA   1 
ATOM 115 C C    . ARG A 1 8  ? -0.964  0.399  -5.589  1.00 0.00 ? 8  ARG A C    1 
ATOM 116 O O    . ARG A 1 8  ? -0.720  1.417  -6.235  1.00 0.00 ? 8  ARG A O    1 
ATOM 117 C CB   . ARG A 1 8  ? -3.342  0.053  -6.402  1.00 0.00 ? 8  ARG A CB   1 
ATOM 118 C CG   . ARG A 1 8  ? -4.381  1.151  -6.616  1.00 0.00 ? 8  ARG A CG   1 
ATOM 119 C CD   . ARG A 1 8  ? -3.990  2.276  -7.571  1.00 0.00 ? 8  ARG A CD   1 
ATOM 120 N NE   . ARG A 1 8  ? -2.738  2.935  -7.198  1.00 0.00 ? 8  ARG A NE   1 
ATOM 121 C CZ   . ARG A 1 8  ? -2.322  4.130  -7.641  1.00 0.00 ? 8  ARG A CZ   1 
ATOM 122 N NH1  . ARG A 1 8  ? -3.025  4.800  -8.562  1.00 0.00 ? 8  ARG A NH1  1 
ATOM 123 N NH2  . ARG A 1 8  ? -1.218  4.714  -7.159  1.00 0.00 ? 8  ARG A NH2  1 
ATOM 124 H H    . ARG A 1 8  ? -2.799  2.097  -4.541  1.00 0.00 ? 8  ARG A H    1 
ATOM 125 H HA   . ARG A 1 8  ? -2.462  -0.871 -4.722  1.00 0.00 ? 8  ARG A HA   1 
ATOM 126 H HB2  . ARG A 1 8  ? -2.755  -0.072 -7.311  1.00 0.00 ? 8  ARG A HB2  1 
ATOM 127 H HB3  . ARG A 1 8  ? -3.898  -0.876 -6.272  1.00 0.00 ? 8  ARG A HB3  1 
ATOM 128 H HG2  . ARG A 1 8  ? -5.219  0.693  -7.141  1.00 0.00 ? 8  ARG A HG2  1 
ATOM 129 H HG3  . ARG A 1 8  ? -4.771  1.563  -5.686  1.00 0.00 ? 8  ARG A HG3  1 
ATOM 130 H HD2  . ARG A 1 8  ? -3.925  1.875  -8.583  1.00 0.00 ? 8  ARG A HD2  1 
ATOM 131 H HD3  . ARG A 1 8  ? -4.808  2.995  -7.538  1.00 0.00 ? 8  ARG A HD3  1 
ATOM 132 H HE   . ARG A 1 8  ? -2.206  2.531  -6.441  1.00 0.00 ? 8  ARG A HE   1 
ATOM 133 H HH11 . ARG A 1 8  ? -3.895  4.470  -8.955  1.00 0.00 ? 8  ARG A HH11 1 
ATOM 134 H HH12 . ARG A 1 8  ? -2.633  5.671  -8.891  1.00 0.00 ? 8  ARG A HH12 1 
ATOM 135 H HH21 . ARG A 1 8  ? -0.428  4.242  -6.742  1.00 0.00 ? 8  ARG A HH21 1 
ATOM 136 H HH22 . ARG A 1 8  ? -1.199  5.722  -7.096  1.00 0.00 ? 8  ARG A HH22 1 
ATOM 137 N N    . CYS A 1 9  ? 0.009   -0.392 -5.129  1.00 0.00 ? 9  CYS A N    1 
ATOM 138 C CA   . CYS A 1 9  ? 1.366   0.110  -5.197  1.00 0.00 ? 9  CYS A CA   1 
ATOM 139 C C    . CYS A 1 9  ? 2.130   -0.395 -6.412  1.00 0.00 ? 9  CYS A C    1 
ATOM 140 O O    . CYS A 1 9  ? 1.881   -1.487 -6.921  1.00 0.00 ? 9  CYS A O    1 
ATOM 141 C CB   . CYS A 1 9  ? 2.163   -0.267 -3.953  1.00 0.00 ? 9  CYS A CB   1 
ATOM 142 S SG   . CYS A 1 9  ? 2.923   -1.899 -4.136  1.00 0.00 ? 9  CYS A SG   1 
ATOM 143 H H    . CYS A 1 9  ? -0.169  -1.292 -4.708  1.00 0.00 ? 9  CYS A H    1 
ATOM 144 H HA   . CYS A 1 9  ? 1.343   1.200  -5.165  1.00 0.00 ? 9  CYS A HA   1 
ATOM 145 H HB2  . CYS A 1 9  ? 2.958   0.474  -3.877  1.00 0.00 ? 9  CYS A HB2  1 
ATOM 146 H HB3  . CYS A 1 9  ? 1.557   -0.191 -3.050  1.00 0.00 ? 9  CYS A HB3  1 
ATOM 147 N N    . LYS A 1 10 ? 3.170   0.363  -6.761  1.00 0.00 ? 10 LYS A N    1 
ATOM 148 C CA   . LYS A 1 10 ? 4.497   -0.200 -6.914  1.00 0.00 ? 10 LYS A CA   1 
ATOM 149 C C    . LYS A 1 10 ? 5.436   0.122  -5.760  1.00 0.00 ? 10 LYS A C    1 
ATOM 150 O O    . LYS A 1 10 ? 6.509   -0.473 -5.735  1.00 0.00 ? 10 LYS A O    1 
ATOM 151 C CB   . LYS A 1 10 ? 5.113   0.256  -8.234  1.00 0.00 ? 10 LYS A CB   1 
ATOM 152 C CG   . LYS A 1 10 ? 4.348   -0.274 -9.443  1.00 0.00 ? 10 LYS A CG   1 
ATOM 153 C CD   . LYS A 1 10 ? 5.234   -0.245 -10.685 1.00 0.00 ? 10 LYS A CD   1 
ATOM 154 C CE   . LYS A 1 10 ? 5.973   1.084  -10.818 1.00 0.00 ? 10 LYS A CE   1 
ATOM 155 N NZ   . LYS A 1 10 ? 6.832   1.079  -12.012 1.00 0.00 ? 10 LYS A NZ   1 
ATOM 156 H H    . LYS A 1 10 ? 3.157   1.330  -6.465  1.00 0.00 ? 10 LYS A H    1 
ATOM 157 H HA   . LYS A 1 10 ? 4.435   -1.287 -6.903  1.00 0.00 ? 10 LYS A HA   1 
ATOM 158 H HB2  . LYS A 1 10 ? 5.119   1.345  -8.277  1.00 0.00 ? 10 LYS A HB2  1 
ATOM 159 H HB3  . LYS A 1 10 ? 6.140   -0.111 -8.278  1.00 0.00 ? 10 LYS A HB3  1 
ATOM 160 H HG2  . LYS A 1 10 ? 4.036   -1.302 -9.253  1.00 0.00 ? 10 LYS A HG2  1 
ATOM 161 H HG3  . LYS A 1 10 ? 3.464   0.343  -9.616  1.00 0.00 ? 10 LYS A HG3  1 
ATOM 162 H HD2  . LYS A 1 10 ? 5.927   -1.086 -10.637 1.00 0.00 ? 10 LYS A HD2  1 
ATOM 163 H HD3  . LYS A 1 10 ? 4.600   -0.392 -11.559 1.00 0.00 ? 10 LYS A HD3  1 
ATOM 164 H HE2  . LYS A 1 10 ? 5.261   1.901  -10.908 1.00 0.00 ? 10 LYS A HE2  1 
ATOM 165 H HE3  . LYS A 1 10 ? 6.642   1.285  -9.982  1.00 0.00 ? 10 LYS A HE3  1 
ATOM 166 H HZ1  . LYS A 1 10 ? 6.354   0.655  -12.793 1.00 0.00 ? 10 LYS A HZ1  1 
ATOM 167 H HZ2  . LYS A 1 10 ? 7.154   1.997  -12.286 1.00 0.00 ? 10 LYS A HZ2  1 
ATOM 168 H HZ3  . LYS A 1 10 ? 7.648   0.506  -11.844 1.00 0.00 ? 10 LYS A HZ3  1 
ATOM 169 N N    . GLN A 1 11 ? 5.139   1.055  -4.850  1.00 0.00 ? 11 GLN A N    1 
ATOM 170 C CA   . GLN A 1 11 ? 6.205   1.617  -4.045  1.00 0.00 ? 11 GLN A CA   1 
ATOM 171 C C    . GLN A 1 11 ? 5.936   2.156  -2.646  1.00 0.00 ? 11 GLN A C    1 
ATOM 172 O O    . GLN A 1 11 ? 6.783   2.914  -2.178  1.00 0.00 ? 11 GLN A O    1 
ATOM 173 C CB   . GLN A 1 11 ? 6.849   2.761  -4.823  1.00 0.00 ? 11 GLN A CB   1 
ATOM 174 C CG   . GLN A 1 11 ? 6.573   2.910  -6.317  1.00 0.00 ? 11 GLN A CG   1 
ATOM 175 C CD   . GLN A 1 11 ? 7.216   4.204  -6.792  1.00 0.00 ? 11 GLN A CD   1 
ATOM 176 O OE1  . GLN A 1 11 ? 6.538   5.203  -7.020  1.00 0.00 ? 11 GLN A OE1  1 
ATOM 177 N NE2  . GLN A 1 11 ? 8.550   4.218  -6.873  1.00 0.00 ? 11 GLN A NE2  1 
ATOM 178 H H    . GLN A 1 11 ? 4.300   1.596  -4.993  1.00 0.00 ? 11 GLN A H    1 
ATOM 179 H HA   . GLN A 1 11 ? 6.902   0.823  -3.777  1.00 0.00 ? 11 GLN A HA   1 
ATOM 180 H HB2  . GLN A 1 11 ? 6.447   3.690  -4.416  1.00 0.00 ? 11 GLN A HB2  1 
ATOM 181 H HB3  . GLN A 1 11 ? 7.923   2.748  -4.642  1.00 0.00 ? 11 GLN A HB3  1 
ATOM 182 H HG2  . GLN A 1 11 ? 6.973   2.071  -6.888  1.00 0.00 ? 11 GLN A HG2  1 
ATOM 183 H HG3  . GLN A 1 11 ? 5.502   3.004  -6.498  1.00 0.00 ? 11 GLN A HG3  1 
ATOM 184 H HE21 . GLN A 1 11 ? 9.102   3.375  -6.807  1.00 0.00 ? 11 GLN A HE21 1 
ATOM 185 H HE22 . GLN A 1 11 ? 9.011   5.046  -7.221  1.00 0.00 ? 11 GLN A HE22 1 
ATOM 186 N N    . ASP A 1 12 ? 4.836   1.844  -1.955  1.00 0.00 ? 12 ASP A N    1 
ATOM 187 C CA   . ASP A 1 12 ? 4.424   2.503  -0.732  1.00 0.00 ? 12 ASP A CA   1 
ATOM 188 C C    . ASP A 1 12 ? 4.156   3.995  -0.845  1.00 0.00 ? 12 ASP A C    1 
ATOM 189 O O    . ASP A 1 12 ? 3.327   4.527  -0.111  1.00 0.00 ? 12 ASP A O    1 
ATOM 190 C CB   . ASP A 1 12 ? 5.356   2.235  0.447   1.00 0.00 ? 12 ASP A CB   1 
ATOM 191 C CG   . ASP A 1 12 ? 6.514   3.207  0.630   1.00 0.00 ? 12 ASP A CG   1 
ATOM 192 O OD1  . ASP A 1 12 ? 6.298   4.363  1.052   1.00 0.00 ? 12 ASP A OD1  1 
ATOM 193 O OD2  . ASP A 1 12 ? 7.666   2.782  0.391   1.00 0.00 ? 12 ASP A OD2  1 
ATOM 194 H H    . ASP A 1 12 ? 4.187   1.194  -2.376  1.00 0.00 ? 12 ASP A H    1 
ATOM 195 H HA   . ASP A 1 12 ? 3.489   2.022  -0.448  1.00 0.00 ? 12 ASP A HA   1 
ATOM 196 H HB2  . ASP A 1 12 ? 4.742   2.326  1.343   1.00 0.00 ? 12 ASP A HB2  1 
ATOM 197 H HB3  . ASP A 1 12 ? 5.765   1.226  0.389   1.00 0.00 ? 12 ASP A HB3  1 
ATOM 198 N N    . SER A 1 13 ? 4.788   4.696  -1.789  1.00 0.00 ? 13 SER A N    1 
ATOM 199 C CA   . SER A 1 13 ? 4.487   6.070  -2.138  1.00 0.00 ? 13 SER A CA   1 
ATOM 200 C C    . SER A 1 13 ? 3.042   6.184  -2.607  1.00 0.00 ? 13 SER A C    1 
ATOM 201 O O    . SER A 1 13 ? 2.316   7.134  -2.324  1.00 0.00 ? 13 SER A O    1 
ATOM 202 C CB   . SER A 1 13 ? 5.483   6.480  -3.220  1.00 0.00 ? 13 SER A CB   1 
ATOM 203 O OG   . SER A 1 13 ? 6.796   6.269  -2.752  1.00 0.00 ? 13 SER A OG   1 
ATOM 204 H H    . SER A 1 13 ? 5.550   4.246  -2.278  1.00 0.00 ? 13 SER A H    1 
ATOM 205 H HA   . SER A 1 13 ? 4.625   6.684  -1.246  1.00 0.00 ? 13 SER A HA   1 
ATOM 206 H HB2  . SER A 1 13 ? 5.319   5.887  -4.120  1.00 0.00 ? 13 SER A HB2  1 
ATOM 207 H HB3  . SER A 1 13 ? 5.328   7.527  -3.482  1.00 0.00 ? 13 SER A HB3  1 
ATOM 208 H HG   . SER A 1 13 ? 7.360   6.830  -3.290  1.00 0.00 ? 13 SER A HG   1 
ATOM 209 N N    . ASP A 1 14 ? 2.589   5.122  -3.277  1.00 0.00 ? 14 ASP A N    1 
ATOM 210 C CA   . ASP A 1 14 ? 1.217   4.762  -3.571  1.00 0.00 ? 14 ASP A CA   1 
ATOM 211 C C    . ASP A 1 14 ? 0.270   4.866  -2.382  1.00 0.00 ? 14 ASP A C    1 
ATOM 212 O O    . ASP A 1 14 ? -0.934  4.914  -2.619  1.00 0.00 ? 14 ASP A O    1 
ATOM 213 C CB   . ASP A 1 14 ? 1.332   3.371  -4.186  1.00 0.00 ? 14 ASP A CB   1 
ATOM 214 C CG   . ASP A 1 14 ? 2.018   3.417  -5.545  1.00 0.00 ? 14 ASP A CG   1 
ATOM 215 O OD1  . ASP A 1 14 ? 1.392   3.870  -6.528  1.00 0.00 ? 14 ASP A OD1  1 
ATOM 216 O OD2  . ASP A 1 14 ? 3.161   2.917  -5.614  1.00 0.00 ? 14 ASP A OD2  1 
ATOM 217 H H    . ASP A 1 14 ? 3.263   4.401  -3.488  1.00 0.00 ? 14 ASP A H    1 
ATOM 218 H HA   . ASP A 1 14 ? 0.718   5.321  -4.363  1.00 0.00 ? 14 ASP A HA   1 
ATOM 219 H HB2  . ASP A 1 14 ? 1.923   2.744  -3.522  1.00 0.00 ? 14 ASP A HB2  1 
ATOM 220 H HB3  . ASP A 1 14 ? 0.333   2.948  -4.290  1.00 0.00 ? 14 ASP A HB3  1 
ATOM 221 N N    . CYS A 1 15 ? 0.746   4.917  -1.134  1.00 0.00 ? 15 CYS A N    1 
ATOM 222 C CA   . CYS A 1 15 ? -0.045  4.794  0.072   1.00 0.00 ? 15 CYS A CA   1 
ATOM 223 C C    . CYS A 1 15 ? 0.115   5.962  1.036   1.00 0.00 ? 15 CYS A C    1 
ATOM 224 O O    . CYS A 1 15 ? 0.935   6.857  0.829   1.00 0.00 ? 15 CYS A O    1 
ATOM 225 C CB   . CYS A 1 15 ? 0.302   3.514  0.825   1.00 0.00 ? 15 CYS A CB   1 
ATOM 226 S SG   . CYS A 1 15 ? 0.825   2.186  -0.289  1.00 0.00 ? 15 CYS A SG   1 
ATOM 227 H H    . CYS A 1 15 ? 1.746   4.876  -1.001  1.00 0.00 ? 15 CYS A H    1 
ATOM 228 H HA   . CYS A 1 15 ? -1.101  4.753  -0.204  1.00 0.00 ? 15 CYS A HA   1 
ATOM 229 H HB2  . CYS A 1 15 ? 1.116   3.700  1.525   1.00 0.00 ? 15 CYS A HB2  1 
ATOM 230 H HB3  . CYS A 1 15 ? -0.553  3.124  1.376   1.00 0.00 ? 15 CYS A HB3  1 
ATOM 231 N N    . LEU A 1 16 ? -0.696  5.925  2.095   1.00 0.00 ? 16 LEU A N    1 
ATOM 232 C CA   . LEU A 1 16 ? -0.619  6.766  3.273   1.00 0.00 ? 16 LEU A CA   1 
ATOM 233 C C    . LEU A 1 16 ? 0.469   6.182  4.165   1.00 0.00 ? 16 LEU A C    1 
ATOM 234 O O    . LEU A 1 16 ? 0.592   4.960  4.214   1.00 0.00 ? 16 LEU A O    1 
ATOM 235 C CB   . LEU A 1 16 ? -1.954  6.793  4.013   1.00 0.00 ? 16 LEU A CB   1 
ATOM 236 C CG   . LEU A 1 16 ? -2.662  5.451  4.188   1.00 0.00 ? 16 LEU A CG   1 
ATOM 237 C CD1  . LEU A 1 16 ? -3.238  5.325  5.596   1.00 0.00 ? 16 LEU A CD1  1 
ATOM 238 C CD2  . LEU A 1 16 ? -3.798  5.277  3.183   1.00 0.00 ? 16 LEU A CD2  1 
ATOM 239 H H    . LEU A 1 16 ? -1.209  5.065  2.237   1.00 0.00 ? 16 LEU A H    1 
ATOM 240 H HA   . LEU A 1 16 ? -0.373  7.797  3.014   1.00 0.00 ? 16 LEU A HA   1 
ATOM 241 H HB2  . LEU A 1 16 ? -1.767  7.239  4.988   1.00 0.00 ? 16 LEU A HB2  1 
ATOM 242 H HB3  . LEU A 1 16 ? -2.620  7.479  3.487   1.00 0.00 ? 16 LEU A HB3  1 
ATOM 243 H HG   . LEU A 1 16 ? -1.988  4.607  4.047   1.00 0.00 ? 16 LEU A HG   1 
ATOM 244 H HD11 . LEU A 1 16 ? -3.623  6.288  5.934   1.00 0.00 ? 16 LEU A HD11 1 
ATOM 245 H HD12 . LEU A 1 16 ? -4.047  4.596  5.596   1.00 0.00 ? 16 LEU A HD12 1 
ATOM 246 H HD13 . LEU A 1 16 ? -2.456  4.994  6.281   1.00 0.00 ? 16 LEU A HD13 1 
ATOM 247 H HD21 . LEU A 1 16 ? -3.474  5.528  2.172   1.00 0.00 ? 16 LEU A HD21 1 
ATOM 248 H HD22 . LEU A 1 16 ? -4.099  4.230  3.220   1.00 0.00 ? 16 LEU A HD22 1 
ATOM 249 H HD23 . LEU A 1 16 ? -4.652  5.903  3.441   1.00 0.00 ? 16 LEU A HD23 1 
ATOM 250 N N    . ALA A 1 17 ? 1.268   7.007  4.844   1.00 0.00 ? 17 ALA A N    1 
ATOM 251 C CA   . ALA A 1 17 ? 2.350   6.522  5.680   1.00 0.00 ? 17 ALA A CA   1 
ATOM 252 C C    . ALA A 1 17 ? 1.825   5.667  6.824   1.00 0.00 ? 17 ALA A C    1 
ATOM 253 O O    . ALA A 1 17 ? 0.631   5.453  7.023   1.00 0.00 ? 17 ALA A O    1 
ATOM 254 C CB   . ALA A 1 17 ? 3.313   7.623  6.114   1.00 0.00 ? 17 ALA A CB   1 
ATOM 255 H H    . ALA A 1 17 ? 1.163   8.002  4.712   1.00 0.00 ? 17 ALA A H    1 
ATOM 256 H HA   . ALA A 1 17 ? 2.943   5.856  5.054   1.00 0.00 ? 17 ALA A HA   1 
ATOM 257 H HB1  . ALA A 1 17 ? 2.824   8.542  6.436   1.00 0.00 ? 17 ALA A HB1  1 
ATOM 258 H HB2  . ALA A 1 17 ? 3.957   7.291  6.929   1.00 0.00 ? 17 ALA A HB2  1 
ATOM 259 H HB3  . ALA A 1 17 ? 3.967   7.839  5.271   1.00 0.00 ? 17 ALA A HB3  1 
ATOM 260 N N    . GLY A 1 18 ? 2.771   5.104  7.577   1.00 0.00 ? 18 GLY A N    1 
ATOM 261 C CA   . GLY A 1 18 ? 2.491   3.941  8.395   1.00 0.00 ? 18 GLY A CA   1 
ATOM 262 C C    . GLY A 1 18 ? 1.991   2.811  7.509   1.00 0.00 ? 18 GLY A C    1 
ATOM 263 O O    . GLY A 1 18 ? 1.168   2.011  7.948   1.00 0.00 ? 18 GLY A O    1 
ATOM 264 H H    . GLY A 1 18 ? 3.730   5.243  7.295   1.00 0.00 ? 18 GLY A H    1 
ATOM 265 H HA2  . GLY A 1 18 ? 3.395   3.620  8.913   1.00 0.00 ? 18 GLY A HA2  1 
ATOM 266 H HA3  . GLY A 1 18 ? 1.745   4.220  9.141   1.00 0.00 ? 18 GLY A HA3  1 
ATOM 267 N N    . CYS A 1 19 ? 2.479   2.747  6.267   1.00 0.00 ? 19 CYS A N    1 
ATOM 268 C CA   . CYS A 1 19 ? 2.215   1.733  5.266   1.00 0.00 ? 19 CYS A CA   1 
ATOM 269 C C    . CYS A 1 19 ? 3.393   1.470  4.339   1.00 0.00 ? 19 CYS A C    1 
ATOM 270 O O    . CYS A 1 19 ? 3.956   2.413  3.784   1.00 0.00 ? 19 CYS A O    1 
ATOM 271 C CB   . CYS A 1 19 ? 0.993   2.134  4.449   1.00 0.00 ? 19 CYS A CB   1 
ATOM 272 S SG   . CYS A 1 19 ? -0.037  0.684  4.118   1.00 0.00 ? 19 CYS A SG   1 
ATOM 273 H H    . CYS A 1 19 ? 3.189   3.416  6.010   1.00 0.00 ? 19 CYS A H    1 
ATOM 274 H HA   . CYS A 1 19 ? 2.026   0.818  5.826   1.00 0.00 ? 19 CYS A HA   1 
ATOM 275 H HB2  . CYS A 1 19 ? 0.341   2.782  5.032   1.00 0.00 ? 19 CYS A HB2  1 
ATOM 276 H HB3  . CYS A 1 19 ? 1.256   2.616  3.508   1.00 0.00 ? 19 CYS A HB3  1 
ATOM 277 N N    . VAL A 1 20 ? 3.741   0.200  4.114   1.00 0.00 ? 20 VAL A N    1 
ATOM 278 C CA   . VAL A 1 20 ? 4.755   -0.241 3.179   1.00 0.00 ? 20 VAL A CA   1 
ATOM 279 C C    . VAL A 1 20 ? 4.037   -1.134 2.179   1.00 0.00 ? 20 VAL A C    1 
ATOM 280 O O    . VAL A 1 20 ? 3.100   -1.830 2.566   1.00 0.00 ? 20 VAL A O    1 
ATOM 281 C CB   . VAL A 1 20 ? 5.888   -1.012 3.850   1.00 0.00 ? 20 VAL A CB   1 
ATOM 282 C CG1  . VAL A 1 20 ? 6.745   -0.014 4.626   1.00 0.00 ? 20 VAL A CG1  1 
ATOM 283 C CG2  . VAL A 1 20 ? 5.449   -2.175 4.737   1.00 0.00 ? 20 VAL A CG2  1 
ATOM 284 H H    . VAL A 1 20 ? 3.085   -0.518 4.389   1.00 0.00 ? 20 VAL A H    1 
ATOM 285 H HA   . VAL A 1 20 ? 5.205   0.608  2.664   1.00 0.00 ? 20 VAL A HA   1 
ATOM 286 H HB   . VAL A 1 20 ? 6.483   -1.427 3.038   1.00 0.00 ? 20 VAL A HB   1 
ATOM 287 H HG11 . VAL A 1 20 ? 6.901   0.880  4.022   1.00 0.00 ? 20 VAL A HG11 1 
ATOM 288 H HG12 . VAL A 1 20 ? 6.214   0.259  5.537   1.00 0.00 ? 20 VAL A HG12 1 
ATOM 289 H HG13 . VAL A 1 20 ? 7.724   -0.426 4.872   1.00 0.00 ? 20 VAL A HG13 1 
ATOM 290 H HG21 . VAL A 1 20 ? 4.730   -2.807 4.215   1.00 0.00 ? 20 VAL A HG21 1 
ATOM 291 H HG22 . VAL A 1 20 ? 6.299   -2.805 5.001   1.00 0.00 ? 20 VAL A HG22 1 
ATOM 292 H HG23 . VAL A 1 20 ? 5.019   -1.811 5.667   1.00 0.00 ? 20 VAL A HG23 1 
ATOM 293 N N    . CYS A 1 21 ? 4.456   -1.125 0.911   1.00 0.00 ? 21 CYS A N    1 
ATOM 294 C CA   . CYS A 1 21 ? 3.812   -1.951 -0.090  1.00 0.00 ? 21 CYS A CA   1 
ATOM 295 C C    . CYS A 1 21 ? 4.503   -3.277 -0.377  1.00 0.00 ? 21 CYS A C    1 
ATOM 296 O O    . CYS A 1 21 ? 5.697   -3.459 -0.149  1.00 0.00 ? 21 CYS A O    1 
ATOM 297 C CB   . CYS A 1 21 ? 3.472   -1.192 -1.367  1.00 0.00 ? 21 CYS A CB   1 
ATOM 298 S SG   . CYS A 1 21 ? 4.454   -1.656 -2.816  1.00 0.00 ? 21 CYS A SG   1 
ATOM 299 H H    . CYS A 1 21 ? 5.256   -0.572 0.636   1.00 0.00 ? 21 CYS A H    1 
ATOM 300 H HA   . CYS A 1 21 ? 2.834   -2.234 0.292   1.00 0.00 ? 21 CYS A HA   1 
ATOM 301 H HB2  . CYS A 1 21 ? 2.449   -1.502 -1.582  1.00 0.00 ? 21 CYS A HB2  1 
ATOM 302 H HB3  . CYS A 1 21 ? 3.468   -0.109 -1.250  1.00 0.00 ? 21 CYS A HB3  1 
ATOM 303 N N    . GLY A 1 22 ? 3.696   -4.216 -0.875  1.00 0.00 ? 22 GLY A N    1 
ATOM 304 C CA   . GLY A 1 22 ? 4.229   -5.460 -1.389  1.00 0.00 ? 22 GLY A CA   1 
ATOM 305 C C    . GLY A 1 22 ? 3.315   -6.209 -2.347  1.00 0.00 ? 22 GLY A C    1 
ATOM 306 O O    . GLY A 1 22 ? 3.609   -6.261 -3.540  1.00 0.00 ? 22 GLY A O    1 
ATOM 307 H H    . GLY A 1 22 ? 2.702   -4.038 -0.917  1.00 0.00 ? 22 GLY A H    1 
ATOM 308 H HA2  . GLY A 1 22 ? 5.125   -5.199 -1.951  1.00 0.00 ? 22 GLY A HA2  1 
ATOM 309 H HA3  . GLY A 1 22 ? 4.528   -6.051 -0.522  1.00 0.00 ? 22 GLY A HA3  1 
ATOM 310 N N    . PRO A 1 23 ? 2.240   -6.830 -1.854  1.00 0.00 ? 23 PRO A N    1 
ATOM 311 C CA   . PRO A 1 23 ? 1.513   -7.931 -2.455  1.00 0.00 ? 23 PRO A CA   1 
ATOM 312 C C    . PRO A 1 23 ? 1.182   -7.984 -3.939  1.00 0.00 ? 23 PRO A C    1 
ATOM 313 O O    . PRO A 1 23 ? 2.062   -8.002 -4.799  1.00 0.00 ? 23 PRO A O    1 
ATOM 314 C CB   . PRO A 1 23 ? 0.286   -8.051 -1.554  1.00 0.00 ? 23 PRO A CB   1 
ATOM 315 C CG   . PRO A 1 23 ? 0.916   -7.891 -0.175  1.00 0.00 ? 23 PRO A CG   1 
ATOM 316 C CD   . PRO A 1 23 ? 1.914   -6.769 -0.443  1.00 0.00 ? 23 PRO A CD   1 
ATOM 317 H HA   . PRO A 1 23 ? 2.127   -8.820 -2.311  1.00 0.00 ? 23 PRO A HA   1 
ATOM 318 H HB2  . PRO A 1 23 ? -0.378  -7.198 -1.705  1.00 0.00 ? 23 PRO A HB2  1 
ATOM 319 H HB3  . PRO A 1 23 ? -0.208  -9.010 -1.704  1.00 0.00 ? 23 PRO A HB3  1 
ATOM 320 H HG2  . PRO A 1 23 ? 0.222   -7.597 0.611   1.00 0.00 ? 23 PRO A HG2  1 
ATOM 321 H HG3  . PRO A 1 23 ? 1.458   -8.801 0.082   1.00 0.00 ? 23 PRO A HG3  1 
ATOM 322 H HD2  . PRO A 1 23 ? 1.459   -5.813 -0.182  1.00 0.00 ? 23 PRO A HD2  1 
ATOM 323 H HD3  . PRO A 1 23 ? 2.783   -6.963 0.183   1.00 0.00 ? 23 PRO A HD3  1 
ATOM 324 N N    . ASN A 1 24 ? -0.104  -8.086 -4.281  1.00 0.00 ? 24 ASN A N    1 
ATOM 325 C CA   . ASN A 1 24 ? -0.615  -8.076 -5.638  1.00 0.00 ? 24 ASN A CA   1 
ATOM 326 C C    . ASN A 1 24 ? -0.767  -6.610 -6.018  1.00 0.00 ? 24 ASN A C    1 
ATOM 327 O O    . ASN A 1 24 ? -1.833  -6.150 -6.420  1.00 0.00 ? 24 ASN A O    1 
ATOM 328 C CB   . ASN A 1 24 ? -1.892  -8.894 -5.808  1.00 0.00 ? 24 ASN A CB   1 
ATOM 329 C CG   . ASN A 1 24 ? -2.307  -9.015 -7.269  1.00 0.00 ? 24 ASN A CG   1 
ATOM 330 O OD1  . ASN A 1 24 ? -1.482  -8.895 -8.171  1.00 0.00 ? 24 ASN A OD1  1 
ATOM 331 N ND2  . ASN A 1 24 ? -3.572  -9.328 -7.564  1.00 0.00 ? 24 ASN A ND2  1 
ATOM 332 H H    . ASN A 1 24 ? -0.792  -8.049 -3.542  1.00 0.00 ? 24 ASN A H    1 
ATOM 333 H HA   . ASN A 1 24 ? 0.121   -8.480 -6.334  1.00 0.00 ? 24 ASN A HA   1 
ATOM 334 H HB2  . ASN A 1 24 ? -1.705  -9.910 -5.465  1.00 0.00 ? 24 ASN A HB2  1 
ATOM 335 H HB3  . ASN A 1 24 ? -2.721  -8.491 -5.228  1.00 0.00 ? 24 ASN A HB3  1 
ATOM 336 H HD21 . ASN A 1 24 ? -4.233  -9.576 -6.843  1.00 0.00 ? 24 ASN A HD21 1 
ATOM 337 H HD22 . ASN A 1 24 ? -3.802  -9.481 -8.535  1.00 0.00 ? 24 ASN A HD22 1 
ATOM 338 N N    . GLY A 1 25 ? 0.326   -5.867 -5.834  1.00 0.00 ? 25 GLY A N    1 
ATOM 339 C CA   . GLY A 1 25 ? 0.362   -4.441 -6.078  1.00 0.00 ? 25 GLY A CA   1 
ATOM 340 C C    . GLY A 1 25 ? -0.623  -3.766 -5.135  1.00 0.00 ? 25 GLY A C    1 
ATOM 341 O O    . GLY A 1 25 ? -1.435  -2.951 -5.568  1.00 0.00 ? 25 GLY A O    1 
ATOM 342 H H    . GLY A 1 25 ? 1.134   -6.301 -5.408  1.00 0.00 ? 25 GLY A H    1 
ATOM 343 H HA2  . GLY A 1 25 ? 1.358   -4.040 -5.890  1.00 0.00 ? 25 GLY A HA2  1 
ATOM 344 H HA3  . GLY A 1 25 ? 0.117   -4.260 -7.126  1.00 0.00 ? 25 GLY A HA3  1 
ATOM 345 N N    . PHE A 1 26 ? -0.521  -4.084 -3.843  1.00 0.00 ? 26 PHE A N    1 
ATOM 346 C CA   . PHE A 1 26 ? -1.202  -3.378 -2.779  1.00 0.00 ? 26 PHE A CA   1 
ATOM 347 C C    . PHE A 1 26 ? -0.252  -3.214 -1.603  1.00 0.00 ? 26 PHE A C    1 
ATOM 348 O O    . PHE A 1 26 ? 0.814   -3.825 -1.528  1.00 0.00 ? 26 PHE A O    1 
ATOM 349 C CB   . PHE A 1 26 ? -2.487  -4.079 -2.343  1.00 0.00 ? 26 PHE A CB   1 
ATOM 350 C CG   . PHE A 1 26 ? -3.647  -3.844 -3.283  1.00 0.00 ? 26 PHE A CG   1 
ATOM 351 C CD1  . PHE A 1 26 ? -4.227  -2.575 -3.395  1.00 0.00 ? 26 PHE A CD1  1 
ATOM 352 C CD2  . PHE A 1 26 ? -4.128  -4.895 -4.071  1.00 0.00 ? 26 PHE A CD2  1 
ATOM 353 C CE1  . PHE A 1 26 ? -5.254  -2.356 -4.323  1.00 0.00 ? 26 PHE A CE1  1 
ATOM 354 C CE2  . PHE A 1 26 ? -5.017  -4.630 -5.121  1.00 0.00 ? 26 PHE A CE2  1 
ATOM 355 C CZ   . PHE A 1 26 ? -5.612  -3.367 -5.221  1.00 0.00 ? 26 PHE A CZ   1 
ATOM 356 H H    . PHE A 1 26 ? 0.244   -4.668 -3.534  1.00 0.00 ? 26 PHE A H    1 
ATOM 357 H HA   . PHE A 1 26 ? -1.449  -2.368 -3.111  1.00 0.00 ? 26 PHE A HA   1 
ATOM 358 H HB2  . PHE A 1 26 ? -2.292  -5.145 -2.229  1.00 0.00 ? 26 PHE A HB2  1 
ATOM 359 H HB3  . PHE A 1 26 ? -2.776  -3.710 -1.360  1.00 0.00 ? 26 PHE A HB3  1 
ATOM 360 H HD1  . PHE A 1 26 ? -3.935  -1.776 -2.732  1.00 0.00 ? 26 PHE A HD1  1 
ATOM 361 H HD2  . PHE A 1 26 ? -3.882  -5.919 -3.834  1.00 0.00 ? 26 PHE A HD2  1 
ATOM 362 H HE1  . PHE A 1 26 ? -5.810  -1.430 -4.317  1.00 0.00 ? 26 PHE A HE1  1 
ATOM 363 H HE2  . PHE A 1 26 ? -5.344  -5.457 -5.733  1.00 0.00 ? 26 PHE A HE2  1 
ATOM 364 H HZ   . PHE A 1 26 ? -6.487  -3.220 -5.836  1.00 0.00 ? 26 PHE A HZ   1 
ATOM 365 N N    . CYS A 1 27 ? -0.702  -2.327 -0.713  1.00 0.00 ? 27 CYS A N    1 
ATOM 366 C CA   . CYS A 1 27 ? -0.105  -1.895 0.534   1.00 0.00 ? 27 CYS A CA   1 
ATOM 367 C C    . CYS A 1 27 ? -0.701  -2.618 1.731   1.00 0.00 ? 27 CYS A C    1 
ATOM 368 O O    . CYS A 1 27 ? -1.888  -2.938 1.752   1.00 0.00 ? 27 CYS A O    1 
ATOM 369 C CB   . CYS A 1 27 ? -0.326  -0.391 0.672   1.00 0.00 ? 27 CYS A CB   1 
ATOM 370 S SG   . CYS A 1 27 ? 1.203   0.557  0.875   1.00 0.00 ? 27 CYS A SG   1 
ATOM 371 H H    . CYS A 1 27 ? -1.577  -1.892 -0.964  1.00 0.00 ? 27 CYS A H    1 
ATOM 372 H HA   . CYS A 1 27 ? 0.962   -2.111 0.502   1.00 0.00 ? 27 CYS A HA   1 
ATOM 373 H HB2  . CYS A 1 27 ? -0.752  0.004  -0.249  1.00 0.00 ? 27 CYS A HB2  1 
ATOM 374 H HB3  . CYS A 1 27 ? -1.004  -0.163 1.494   1.00 0.00 ? 27 CYS A HB3  1 
ATOM 375 N N    . GLY A 1 28 ? 0.148   -2.818 2.740   1.00 0.00 ? 28 GLY A N    1 
ATOM 376 C CA   . GLY A 1 28 ? -0.222  -3.298 4.058   1.00 0.00 ? 28 GLY A CA   1 
ATOM 377 C C    . GLY A 1 28 ? -0.676  -4.751 4.058   1.00 0.00 ? 28 GLY A C    1 
ATOM 378 O O    . GLY A 1 28 ? -0.123  -5.532 3.251   1.00 0.00 ? 28 GLY A O    1 
ATOM 379 O OXT  . GLY A 1 28 ? -1.537  -5.107 4.891   1.00 0.00 ? 28 GLY A OXT  1 
ATOM 380 H H    . GLY A 1 28 ? 1.082   -2.481 2.555   1.00 0.00 ? 28 GLY A H    1 
ATOM 381 H HA2  . GLY A 1 28 ? 0.635   -3.185 4.722   1.00 0.00 ? 28 GLY A HA2  1 
ATOM 382 H HA3  . GLY A 1 28 ? -1.032  -2.684 4.450   1.00 0.00 ? 28 GLY A HA3  1 
# 
